data_365D
# 
_entry.id   365D 
# 
_audit_conform.dict_name       mmcif_pdbx.dic 
_audit_conform.dict_version    5.387 
_audit_conform.dict_location   http://mmcif.pdb.org/dictionaries/ascii/mmcif_pdbx.dic 
# 
loop_
_database_2.database_id 
_database_2.database_code 
_database_2.pdbx_database_accession 
_database_2.pdbx_DOI 
PDB   365D         pdb_0000365d 10.2210/pdb365d/pdb 
RCSB  GDJ057       ?            ?                   
WWPDB D_1000178835 ?            ?                   
# 
loop_
_pdbx_audit_revision_history.ordinal 
_pdbx_audit_revision_history.data_content_type 
_pdbx_audit_revision_history.major_revision 
_pdbx_audit_revision_history.minor_revision 
_pdbx_audit_revision_history.revision_date 
1 'Structure model' 1 0 1998-02-05 
2 'Structure model' 1 1 2008-05-22 
3 'Structure model' 1 2 2011-07-13 
4 'Structure model' 1 3 2024-02-21 
# 
_pdbx_audit_revision_details.ordinal             1 
_pdbx_audit_revision_details.revision_ordinal    1 
_pdbx_audit_revision_details.data_content_type   'Structure model' 
_pdbx_audit_revision_details.provider            repository 
_pdbx_audit_revision_details.type                'Initial release' 
_pdbx_audit_revision_details.description         ? 
_pdbx_audit_revision_details.details             ? 
# 
loop_
_pdbx_audit_revision_group.ordinal 
_pdbx_audit_revision_group.revision_ordinal 
_pdbx_audit_revision_group.data_content_type 
_pdbx_audit_revision_group.group 
1 2 'Structure model' 'Version format compliance' 
2 3 'Structure model' 'Version format compliance' 
3 4 'Structure model' 'Data collection'           
4 4 'Structure model' 'Database references'       
5 4 'Structure model' 'Derived calculations'      
# 
loop_
_pdbx_audit_revision_category.ordinal 
_pdbx_audit_revision_category.revision_ordinal 
_pdbx_audit_revision_category.data_content_type 
_pdbx_audit_revision_category.category 
1 4 'Structure model' chem_comp_atom 
2 4 'Structure model' chem_comp_bond 
3 4 'Structure model' database_2     
4 4 'Structure model' struct_conn    
5 4 'Structure model' struct_site    
# 
loop_
_pdbx_audit_revision_item.ordinal 
_pdbx_audit_revision_item.revision_ordinal 
_pdbx_audit_revision_item.data_content_type 
_pdbx_audit_revision_item.item 
1 4 'Structure model' '_database_2.pdbx_DOI'                
2 4 'Structure model' '_database_2.pdbx_database_accession' 
3 4 'Structure model' '_struct_conn.pdbx_leaving_atom_flag' 
4 4 'Structure model' '_struct_site.pdbx_auth_asym_id'      
5 4 'Structure model' '_struct_site.pdbx_auth_comp_id'      
6 4 'Structure model' '_struct_site.pdbx_auth_seq_id'       
# 
_pdbx_database_status.status_code                     REL 
_pdbx_database_status.entry_id                        365D 
_pdbx_database_status.recvd_initial_deposition_date   1997-12-17 
_pdbx_database_status.deposit_site                    NDB 
_pdbx_database_status.process_site                    NDB 
_pdbx_database_status.SG_entry                        . 
_pdbx_database_status.pdb_format_compatible           Y 
_pdbx_database_status.status_code_mr                  ? 
_pdbx_database_status.status_code_sf                  ? 
_pdbx_database_status.status_code_cs                  ? 
_pdbx_database_status.status_code_nmr_data            ? 
_pdbx_database_status.methods_development_category    ? 
# 
loop_
_audit_author.name 
_audit_author.pdbx_ordinal 
'Kielkopf, C.L.' 1 
'Baird, E.E.'    2 
'Dervan, P.B.'   3 
'Rees, D.C.'     4 
# 
_citation.id                        primary 
_citation.title                     'Structural basis for G.C recognition in the DNA minor groove.' 
_citation.journal_abbrev            Nat.Struct.Biol. 
_citation.journal_volume            5 
_citation.page_first                104 
_citation.page_last                 109 
_citation.year                      1998 
_citation.journal_id_ASTM           NSBIEW 
_citation.country                   US 
_citation.journal_id_ISSN           1072-8368 
_citation.journal_id_CSD            2024 
_citation.book_publisher            ? 
_citation.pdbx_database_id_PubMed   9461074 
_citation.pdbx_database_id_DOI      10.1038/nsb0298-104 
# 
loop_
_citation_author.citation_id 
_citation_author.name 
_citation_author.ordinal 
_citation_author.identifier_ORCID 
primary 'Kielkopf, C.L.' 1 ? 
primary 'Baird, E.E.'    2 ? 
primary 'Dervan, P.B.'   3 ? 
primary 'Rees, D.C.'     4 ? 
# 
loop_
_entity.id 
_entity.type 
_entity.src_method 
_entity.pdbx_description 
_entity.formula_weight 
_entity.pdbx_number_of_molecules 
_entity.pdbx_ec 
_entity.pdbx_mutation 
_entity.pdbx_fragment 
_entity.details 
1 polymer     man 
;DNA (5'-D(*CP*CP*AP*GP*GP*(CBR)P*CP*TP*GP*G)-3')
;
3124.888 2  ? ? ? ? 
2 non-polymer syn 'IMIDAZOLE-PYRROLE POLYAMIDE'                      649.724  2  ? ? ? ? 
3 water       nat water                                              18.015   71 ? ? ? ? 
# 
_entity_poly.entity_id                      1 
_entity_poly.type                           polydeoxyribonucleotide 
_entity_poly.nstd_linkage                   no 
_entity_poly.nstd_monomer                   yes 
_entity_poly.pdbx_seq_one_letter_code       '(DC)(DC)(DA)(DG)(DG)(CBR)(DC)(DT)(DG)(DG)' 
_entity_poly.pdbx_seq_one_letter_code_can   CCAGGCCTGG 
_entity_poly.pdbx_strand_id                 A,B 
_entity_poly.pdbx_target_identifier         ? 
# 
loop_
_pdbx_entity_nonpoly.entity_id 
_pdbx_entity_nonpoly.name 
_pdbx_entity_nonpoly.comp_id 
2 'IMIDAZOLE-PYRROLE POLYAMIDE' IIP 
3 water                         HOH 
# 
loop_
_entity_poly_seq.entity_id 
_entity_poly_seq.num 
_entity_poly_seq.mon_id 
_entity_poly_seq.hetero 
1 1  DC  n 
1 2  DC  n 
1 3  DA  n 
1 4  DG  n 
1 5  DG  n 
1 6  CBR n 
1 7  DC  n 
1 8  DT  n 
1 9  DG  n 
1 10 DG  n 
# 
loop_
_chem_comp.id 
_chem_comp.type 
_chem_comp.mon_nstd_flag 
_chem_comp.name 
_chem_comp.pdbx_synonyms 
_chem_comp.formula 
_chem_comp.formula_weight 
CBR 'DNA linking' n "5-BROMO-2'-DEOXY-CYTIDINE-5'-MONOPHOSPHATE" ? 'C9 H13 Br N3 O7 P' 386.093 
DA  'DNA linking' y "2'-DEOXYADENOSINE-5'-MONOPHOSPHATE"         ? 'C10 H14 N5 O6 P'   331.222 
DC  'DNA linking' y "2'-DEOXYCYTIDINE-5'-MONOPHOSPHATE"          ? 'C9 H14 N3 O7 P'    307.197 
DG  'DNA linking' y "2'-DEOXYGUANOSINE-5'-MONOPHOSPHATE"         ? 'C10 H14 N5 O7 P'   347.221 
DT  'DNA linking' y "THYMIDINE-5'-MONOPHOSPHATE"                 ? 'C10 H15 N2 O8 P'   322.208 
HOH non-polymer   . WATER                                        ? 'H2 O'              18.015  
IIP non-polymer   . 'IMIDAZOLE-PYRROLE POLYAMIDE'                ? 'C30 H41 N12 O5 1'  649.724 
# 
loop_
_pdbx_poly_seq_scheme.asym_id 
_pdbx_poly_seq_scheme.entity_id 
_pdbx_poly_seq_scheme.seq_id 
_pdbx_poly_seq_scheme.mon_id 
_pdbx_poly_seq_scheme.ndb_seq_num 
_pdbx_poly_seq_scheme.pdb_seq_num 
_pdbx_poly_seq_scheme.auth_seq_num 
_pdbx_poly_seq_scheme.pdb_mon_id 
_pdbx_poly_seq_scheme.auth_mon_id 
_pdbx_poly_seq_scheme.pdb_strand_id 
_pdbx_poly_seq_scheme.pdb_ins_code 
_pdbx_poly_seq_scheme.hetero 
A 1 1  DC  1  1  1  DC  C  A . n 
A 1 2  DC  2  2  2  DC  C  A . n 
A 1 3  DA  3  3  3  DA  A  A . n 
A 1 4  DG  4  4  4  DG  G  A . n 
A 1 5  DG  5  5  5  DG  G  A . n 
A 1 6  CBR 6  6  6  CBR BR A . n 
A 1 7  DC  7  7  7  DC  C  A . n 
A 1 8  DT  8  8  8  DT  T  A . n 
A 1 9  DG  9  9  9  DG  G  A . n 
A 1 10 DG  10 10 10 DG  G  A . n 
B 1 1  DC  1  11 11 DC  C  B . n 
B 1 2  DC  2  12 12 DC  C  B . n 
B 1 3  DA  3  13 13 DA  A  B . n 
B 1 4  DG  4  14 14 DG  G  B . n 
B 1 5  DG  5  15 15 DG  G  B . n 
B 1 6  CBR 6  16 16 CBR BR B . n 
B 1 7  DC  7  17 17 DC  C  B . n 
B 1 8  DT  8  18 18 DT  T  B . n 
B 1 9  DG  9  19 19 DG  G  B . n 
B 1 10 DG  10 20 20 DG  G  B . n 
# 
loop_
_pdbx_nonpoly_scheme.asym_id 
_pdbx_nonpoly_scheme.entity_id 
_pdbx_nonpoly_scheme.mon_id 
_pdbx_nonpoly_scheme.ndb_seq_num 
_pdbx_nonpoly_scheme.pdb_seq_num 
_pdbx_nonpoly_scheme.auth_seq_num 
_pdbx_nonpoly_scheme.pdb_mon_id 
_pdbx_nonpoly_scheme.auth_mon_id 
_pdbx_nonpoly_scheme.pdb_strand_id 
_pdbx_nonpoly_scheme.pdb_ins_code 
C 2 IIP 1  22 22 IIP IIP A . 
D 2 IIP 1  21 21 IIP IIP B . 
E 3 HOH 1  25 25 HOH HOH A . 
E 3 HOH 2  27 27 HOH HOH A . 
E 3 HOH 3  28 28 HOH HOH A . 
E 3 HOH 4  29 29 HOH HOH A . 
E 3 HOH 5  30 30 HOH HOH A . 
E 3 HOH 6  34 34 HOH HOH A . 
E 3 HOH 7  36 36 HOH HOH A . 
E 3 HOH 8  38 38 HOH HOH A . 
E 3 HOH 9  39 39 HOH HOH A . 
E 3 HOH 10 40 40 HOH HOH A . 
E 3 HOH 11 41 41 HOH HOH A . 
E 3 HOH 12 43 43 HOH HOH A . 
E 3 HOH 13 44 44 HOH HOH A . 
E 3 HOH 14 46 46 HOH HOH A . 
E 3 HOH 15 47 47 HOH HOH A . 
E 3 HOH 16 48 48 HOH HOH A . 
E 3 HOH 17 49 49 HOH HOH A . 
E 3 HOH 18 50 50 HOH HOH A . 
E 3 HOH 19 51 51 HOH HOH A . 
E 3 HOH 20 52 52 HOH HOH A . 
E 3 HOH 21 53 53 HOH HOH A . 
E 3 HOH 22 54 54 HOH HOH A . 
E 3 HOH 23 56 56 HOH HOH A . 
E 3 HOH 24 57 57 HOH HOH A . 
E 3 HOH 25 59 59 HOH HOH A . 
E 3 HOH 26 60 60 HOH HOH A . 
E 3 HOH 27 61 61 HOH HOH A . 
E 3 HOH 28 62 62 HOH HOH A . 
E 3 HOH 29 63 63 HOH HOH A . 
E 3 HOH 30 66 66 HOH HOH A . 
E 3 HOH 31 73 73 HOH HOH A . 
E 3 HOH 32 74 74 HOH HOH A . 
E 3 HOH 33 75 75 HOH HOH A . 
E 3 HOH 34 76 76 HOH HOH A . 
E 3 HOH 35 77 77 HOH HOH A . 
E 3 HOH 36 78 78 HOH HOH A . 
E 3 HOH 37 79 79 HOH HOH A . 
E 3 HOH 38 80 80 HOH HOH A . 
E 3 HOH 39 86 86 HOH HOH A . 
E 3 HOH 40 88 88 HOH HOH A . 
E 3 HOH 41 91 91 HOH HOH A . 
E 3 HOH 42 92 92 HOH HOH A . 
E 3 HOH 43 93 93 HOH HOH A . 
F 3 HOH 1  23 23 HOH HOH B . 
F 3 HOH 2  24 24 HOH HOH B . 
F 3 HOH 3  26 26 HOH HOH B . 
F 3 HOH 4  31 31 HOH HOH B . 
F 3 HOH 5  32 32 HOH HOH B . 
F 3 HOH 6  33 33 HOH HOH B . 
F 3 HOH 7  35 35 HOH HOH B . 
F 3 HOH 8  37 37 HOH HOH B . 
F 3 HOH 9  42 42 HOH HOH B . 
F 3 HOH 10 45 45 HOH HOH B . 
F 3 HOH 11 55 55 HOH HOH B . 
F 3 HOH 12 58 58 HOH HOH B . 
F 3 HOH 13 64 64 HOH HOH B . 
F 3 HOH 14 65 65 HOH HOH B . 
F 3 HOH 15 67 67 HOH HOH B . 
F 3 HOH 16 68 68 HOH HOH B . 
F 3 HOH 17 69 69 HOH HOH B . 
F 3 HOH 18 70 70 HOH HOH B . 
F 3 HOH 19 71 71 HOH HOH B . 
F 3 HOH 20 72 72 HOH HOH B . 
F 3 HOH 21 81 81 HOH HOH B . 
F 3 HOH 22 82 82 HOH HOH B . 
F 3 HOH 23 83 83 HOH HOH B . 
F 3 HOH 24 84 84 HOH HOH B . 
F 3 HOH 25 85 85 HOH HOH B . 
F 3 HOH 26 87 87 HOH HOH B . 
F 3 HOH 27 89 89 HOH HOH B . 
F 3 HOH 28 90 90 HOH HOH B . 
# 
loop_
_software.name 
_software.classification 
_software.version 
_software.citation_id 
_software.pdbx_ordinal 
X-PLOR    refinement       3.857 ? 1 
DENZO     'data reduction' .     ? 2 
SCALEPACK 'data scaling'   .     ? 3 
# 
_cell.entry_id           365D 
_cell.length_a           34.396 
_cell.length_b           38.959 
_cell.length_c           44.421 
_cell.angle_alpha        90.00 
_cell.angle_beta         90.00 
_cell.angle_gamma        90.00 
_cell.Z_PDB              8 
_cell.pdbx_unique_axis   ? 
# 
_symmetry.entry_id                         365D 
_symmetry.space_group_name_H-M             'P 21 21 21' 
_symmetry.pdbx_full_space_group_name_H-M   ? 
_symmetry.cell_setting                     ? 
_symmetry.Int_Tables_number                19 
# 
_exptl.entry_id          365D 
_exptl.method            'X-RAY DIFFRACTION' 
_exptl.crystals_number   2 
# 
loop_
_exptl_crystal.id 
_exptl_crystal.density_meas 
_exptl_crystal.density_Matthews 
_exptl_crystal.density_percent_sol 
_exptl_crystal.description 
1 ? 1.90 34.0000 ? 
2 ? ?    ?       ? 
# 
loop_
_exptl_crystal_grow.crystal_id 
_exptl_crystal_grow.method 
_exptl_crystal_grow.temp 
_exptl_crystal_grow.temp_details 
_exptl_crystal_grow.pH 
_exptl_crystal_grow.pdbx_details 
_exptl_crystal_grow.pdbx_pH_range 
1 'VAPOR DIFFUSION, SITTING DROP' 277.00 ? 7.50 'pH 7.50, VAPOR DIFFUSION, SITTING DROP, temperature 277.00K' ? 
2 'VAPOR DIFFUSION, SITTING DROP' 277.00 ? 7.50 'pH 7.50, VAPOR DIFFUSION, SITTING DROP, temperature 277.00K' ? 
# 
loop_
_exptl_crystal_grow_comp.crystal_id 
_exptl_crystal_grow_comp.id 
_exptl_crystal_grow_comp.sol_id 
_exptl_crystal_grow_comp.name 
_exptl_crystal_grow_comp.volume 
_exptl_crystal_grow_comp.conc 
_exptl_crystal_grow_comp.details 
1 1 1 WATER        ? ? ? 
1 2 1 MPD          ? ? ? 
1 3 1 'CA ACETATE' ? ? ? 
1 4 1 TRIS         ? ? ? 
1 5 2 WATER        ? ? ? 
1 6 2 MPD          ? ? ? 
2 1 1 WATER        ? ? ? 
2 2 1 MPD          ? ? ? 
2 3 1 'CA ACETATE' ? ? ? 
2 4 1 TRIS         ? ? ? 
2 5 2 WATER        ? ? ? 
2 6 2 MPD          ? ? ? 
# 
loop_
_diffrn.id 
_diffrn.ambient_temp 
_diffrn.ambient_temp_details 
_diffrn.crystal_id 
1 103.00 ? 1 
2 103.00 ? 1 
# 
loop_
_diffrn_detector.diffrn_id 
_diffrn_detector.detector 
_diffrn_detector.type 
_diffrn_detector.pdbx_collection_date 
_diffrn_detector.details 
1 'IMAGE PLATE' 'RIGAKU RAXIS IIC' 1997-04-04 ? 
2 'IMAGE PLATE' MARRESEARCH        1997-05-03 ? 
# 
loop_
_diffrn_radiation.diffrn_id 
_diffrn_radiation.wavelength_id 
_diffrn_radiation.pdbx_monochromatic_or_laue_m_l 
_diffrn_radiation.monochromator 
_diffrn_radiation.pdbx_diffrn_protocol 
_diffrn_radiation.pdbx_scattering_type 
1 1 M GRAPHITE 'SINGLE WAVELENGTH' x-ray 
2 2 M GRAPHITE 'SINGLE WAVELENGTH' x-ray 
# 
loop_
_diffrn_radiation_wavelength.id 
_diffrn_radiation_wavelength.wavelength 
_diffrn_radiation_wavelength.wt 
1 . 1.0 
2 . 1.0 
# 
loop_
_diffrn_source.diffrn_id 
_diffrn_source.source 
_diffrn_source.type 
_diffrn_source.pdbx_synchrotron_site 
_diffrn_source.pdbx_synchrotron_beamline 
_diffrn_source.pdbx_wavelength 
_diffrn_source.pdbx_wavelength_list 
1 ?           ?                     ?    ?     ? ? 
2 SYNCHROTRON 'SSRL BEAMLINE BL7-1' SSRL BL7-1 ? ? 
# 
_reflns.entry_id                     365D 
_reflns.observed_criterion_sigma_I   ? 
_reflns.observed_criterion_sigma_F   ? 
_reflns.d_resolution_low             18.000 
_reflns.d_resolution_high            2.000 
_reflns.number_obs                   4124 
_reflns.number_all                   ? 
_reflns.percent_possible_obs         93.900 
_reflns.pdbx_Rmerge_I_obs            0.027 
_reflns.pdbx_Rsym_value              ? 
_reflns.pdbx_netI_over_sigmaI        ? 
_reflns.B_iso_Wilson_estimate        ? 
_reflns.pdbx_redundancy              6.100 
_reflns.R_free_details               ? 
_reflns.pdbx_diffrn_id               1,2 
_reflns.pdbx_ordinal                 1 
# 
_refine.entry_id                                 365D 
_refine.ls_number_reflns_obs                     3765 
_refine.ls_number_reflns_all                     ? 
_refine.pdbx_ls_sigma_I                          ? 
_refine.pdbx_ls_sigma_F                          0.000 
_refine.pdbx_data_cutoff_high_absF               ? 
_refine.pdbx_data_cutoff_low_absF                ? 
_refine.pdbx_data_cutoff_high_rms_absF           ? 
_refine.ls_d_res_low                             18.000 
_refine.ls_d_res_high                            2.000 
_refine.ls_percent_reflns_obs                    91.200 
_refine.ls_R_factor_obs                          0.222 
_refine.ls_R_factor_all                          ? 
_refine.ls_R_factor_R_work                       0.222 
_refine.ls_R_factor_R_free                       0.26 
_refine.ls_R_factor_R_free_error                 ? 
_refine.ls_R_factor_R_free_error_details         ? 
_refine.ls_percent_reflns_R_free                 5.000 
_refine.ls_number_reflns_R_free                  185 
_refine.ls_number_parameters                     ? 
_refine.ls_number_restraints                     ? 
_refine.occupancy_min                            ? 
_refine.occupancy_max                            ? 
_refine.B_iso_mean                               ? 
_refine.aniso_B[1][1]                            ? 
_refine.aniso_B[2][2]                            ? 
_refine.aniso_B[3][3]                            ? 
_refine.aniso_B[1][2]                            ? 
_refine.aniso_B[1][3]                            ? 
_refine.aniso_B[2][3]                            ? 
_refine.solvent_model_details                    ? 
_refine.solvent_model_param_ksol                 ? 
_refine.solvent_model_param_bsol                 ? 
_refine.pdbx_ls_cross_valid_method               ? 
_refine.details                                  ? 
_refine.pdbx_starting_model                      ? 
_refine.pdbx_method_to_determine_struct          ? 
_refine.pdbx_isotropic_thermal_model             ? 
_refine.pdbx_stereochemistry_target_values       ? 
_refine.pdbx_stereochem_target_val_spec_case     ? 
_refine.pdbx_R_Free_selection_details            ? 
_refine.pdbx_overall_ESU_R                       ? 
_refine.pdbx_overall_ESU_R_Free                  ? 
_refine.overall_SU_ML                            ? 
_refine.overall_SU_B                             ? 
_refine.ls_redundancy_reflns_obs                 ? 
_refine.correlation_coeff_Fo_to_Fc               ? 
_refine.correlation_coeff_Fo_to_Fc_free          ? 
_refine.overall_SU_R_Cruickshank_DPI             ? 
_refine.overall_SU_R_free                        ? 
_refine.pdbx_refine_id                           'X-RAY DIFFRACTION' 
_refine.pdbx_diffrn_id                           1 
_refine.pdbx_TLS_residual_ADP_flag               ? 
_refine.pdbx_solvent_vdw_probe_radii             ? 
_refine.pdbx_solvent_ion_probe_radii             ? 
_refine.pdbx_solvent_shrinkage_radii             ? 
_refine.pdbx_overall_phase_error                 ? 
_refine.pdbx_overall_SU_R_free_Cruickshank_DPI   ? 
_refine.pdbx_overall_SU_R_Blow_DPI               ? 
_refine.pdbx_overall_SU_R_free_Blow_DPI          ? 
# 
_refine_hist.pdbx_refine_id                   'X-RAY DIFFRACTION' 
_refine_hist.cycle_id                         LAST 
_refine_hist.pdbx_number_atoms_protein        0 
_refine_hist.pdbx_number_atoms_nucleic_acid   404 
_refine_hist.pdbx_number_atoms_ligand         98 
_refine_hist.number_atoms_solvent             71 
_refine_hist.number_atoms_total               573 
_refine_hist.d_res_high                       2.000 
_refine_hist.d_res_low                        18.000 
# 
loop_
_refine_ls_restr.type 
_refine_ls_restr.dev_ideal 
_refine_ls_restr.dev_ideal_target 
_refine_ls_restr.weight 
_refine_ls_restr.number 
_refine_ls_restr.pdbx_refine_id 
_refine_ls_restr.pdbx_restraint_function 
x_bond_d                0.030 ? ? ? 'X-RAY DIFFRACTION' ? 
x_bond_d_na             ?     ? ? ? 'X-RAY DIFFRACTION' ? 
x_bond_d_prot           ?     ? ? ? 'X-RAY DIFFRACTION' ? 
x_angle_d               ?     ? ? ? 'X-RAY DIFFRACTION' ? 
x_angle_d_na            ?     ? ? ? 'X-RAY DIFFRACTION' ? 
x_angle_d_prot          ?     ? ? ? 'X-RAY DIFFRACTION' ? 
x_angle_deg             2.20  ? ? ? 'X-RAY DIFFRACTION' ? 
x_angle_deg_na          ?     ? ? ? 'X-RAY DIFFRACTION' ? 
x_angle_deg_prot        ?     ? ? ? 'X-RAY DIFFRACTION' ? 
x_dihedral_angle_d      ?     ? ? ? 'X-RAY DIFFRACTION' ? 
x_dihedral_angle_d_na   ?     ? ? ? 'X-RAY DIFFRACTION' ? 
x_dihedral_angle_d_prot ?     ? ? ? 'X-RAY DIFFRACTION' ? 
x_improper_angle_d      ?     ? ? ? 'X-RAY DIFFRACTION' ? 
x_improper_angle_d_na   ?     ? ? ? 'X-RAY DIFFRACTION' ? 
x_improper_angle_d_prot ?     ? ? ? 'X-RAY DIFFRACTION' ? 
x_mcbond_it             ?     ? ? ? 'X-RAY DIFFRACTION' ? 
x_mcangle_it            ?     ? ? ? 'X-RAY DIFFRACTION' ? 
x_scbond_it             ?     ? ? ? 'X-RAY DIFFRACTION' ? 
x_scangle_it            ?     ? ? ? 'X-RAY DIFFRACTION' ? 
# 
_struct.entry_id                  365D 
_struct.title                     'STRUCTURAL BASIS FOR G C RECOGNITION IN THE DNA MINOR GROOVE' 
_struct.pdbx_model_details        ? 
_struct.pdbx_CASP_flag            ? 
_struct.pdbx_model_type_details   ? 
# 
_struct_keywords.entry_id        365D 
_struct_keywords.pdbx_keywords   DNA 
_struct_keywords.text            'B-DNA, DOUBLE HELIX, MODIFIED, DNA' 
# 
loop_
_struct_asym.id 
_struct_asym.pdbx_blank_PDB_chainid_flag 
_struct_asym.pdbx_modified 
_struct_asym.entity_id 
_struct_asym.details 
A N N 1 ? 
B N N 1 ? 
C N N 2 ? 
D N N 2 ? 
E N N 3 ? 
F N N 3 ? 
# 
_struct_ref.id                         1 
_struct_ref.entity_id                  1 
_struct_ref.db_name                    PDB 
_struct_ref.db_code                    365D 
_struct_ref.pdbx_db_accession          365D 
_struct_ref.pdbx_db_isoform            ? 
_struct_ref.pdbx_seq_one_letter_code   ? 
_struct_ref.pdbx_align_begin           ? 
# 
loop_
_struct_ref_seq.align_id 
_struct_ref_seq.ref_id 
_struct_ref_seq.pdbx_PDB_id_code 
_struct_ref_seq.pdbx_strand_id 
_struct_ref_seq.seq_align_beg 
_struct_ref_seq.pdbx_seq_align_beg_ins_code 
_struct_ref_seq.seq_align_end 
_struct_ref_seq.pdbx_seq_align_end_ins_code 
_struct_ref_seq.pdbx_db_accession 
_struct_ref_seq.db_align_beg 
_struct_ref_seq.pdbx_db_align_beg_ins_code 
_struct_ref_seq.db_align_end 
_struct_ref_seq.pdbx_db_align_end_ins_code 
_struct_ref_seq.pdbx_auth_seq_align_beg 
_struct_ref_seq.pdbx_auth_seq_align_end 
1 1 365D A 1 ? 10 ? 365D 1  ? 10 ? 1  10 
2 1 365D B 1 ? 10 ? 365D 11 ? 20 ? 11 20 
# 
_pdbx_struct_assembly.id                   1 
_pdbx_struct_assembly.details              author_defined_assembly 
_pdbx_struct_assembly.method_details       ? 
_pdbx_struct_assembly.oligomeric_details   dimeric 
_pdbx_struct_assembly.oligomeric_count     2 
# 
_pdbx_struct_assembly_gen.assembly_id       1 
_pdbx_struct_assembly_gen.oper_expression   1 
_pdbx_struct_assembly_gen.asym_id_list      A,B,C,D,E,F 
# 
_pdbx_struct_oper_list.id                   1 
_pdbx_struct_oper_list.type                 'identity operation' 
_pdbx_struct_oper_list.name                 1_555 
_pdbx_struct_oper_list.symmetry_operation   x,y,z 
_pdbx_struct_oper_list.matrix[1][1]         1.0000000000 
_pdbx_struct_oper_list.matrix[1][2]         0.0000000000 
_pdbx_struct_oper_list.matrix[1][3]         0.0000000000 
_pdbx_struct_oper_list.vector[1]            0.0000000000 
_pdbx_struct_oper_list.matrix[2][1]         0.0000000000 
_pdbx_struct_oper_list.matrix[2][2]         1.0000000000 
_pdbx_struct_oper_list.matrix[2][3]         0.0000000000 
_pdbx_struct_oper_list.vector[2]            0.0000000000 
_pdbx_struct_oper_list.matrix[3][1]         0.0000000000 
_pdbx_struct_oper_list.matrix[3][2]         0.0000000000 
_pdbx_struct_oper_list.matrix[3][3]         1.0000000000 
_pdbx_struct_oper_list.vector[3]            0.0000000000 
# 
_struct_biol.id                    1 
_struct_biol.pdbx_parent_biol_id   ? 
_struct_biol.details               ? 
# 
loop_
_struct_conn.id 
_struct_conn.conn_type_id 
_struct_conn.pdbx_leaving_atom_flag 
_struct_conn.pdbx_PDB_id 
_struct_conn.ptnr1_label_asym_id 
_struct_conn.ptnr1_label_comp_id 
_struct_conn.ptnr1_label_seq_id 
_struct_conn.ptnr1_label_atom_id 
_struct_conn.pdbx_ptnr1_label_alt_id 
_struct_conn.pdbx_ptnr1_PDB_ins_code 
_struct_conn.pdbx_ptnr1_standard_comp_id 
_struct_conn.ptnr1_symmetry 
_struct_conn.ptnr2_label_asym_id 
_struct_conn.ptnr2_label_comp_id 
_struct_conn.ptnr2_label_seq_id 
_struct_conn.ptnr2_label_atom_id 
_struct_conn.pdbx_ptnr2_label_alt_id 
_struct_conn.pdbx_ptnr2_PDB_ins_code 
_struct_conn.ptnr1_auth_asym_id 
_struct_conn.ptnr1_auth_comp_id 
_struct_conn.ptnr1_auth_seq_id 
_struct_conn.ptnr2_auth_asym_id 
_struct_conn.ptnr2_auth_comp_id 
_struct_conn.ptnr2_auth_seq_id 
_struct_conn.ptnr2_symmetry 
_struct_conn.pdbx_ptnr3_label_atom_id 
_struct_conn.pdbx_ptnr3_label_seq_id 
_struct_conn.pdbx_ptnr3_label_comp_id 
_struct_conn.pdbx_ptnr3_label_asym_id 
_struct_conn.pdbx_ptnr3_label_alt_id 
_struct_conn.pdbx_ptnr3_PDB_ins_code 
_struct_conn.details 
_struct_conn.pdbx_dist_value 
_struct_conn.pdbx_value_order 
_struct_conn.pdbx_role 
covale1  covale both ? A DG  5  "O3'" ? ? ? 1_555 A CBR 6  P  ? ? A DG  5  A CBR 6  1_555 ? ? ? ? ? ? ?            1.617 ? ? 
covale2  covale both ? A CBR 6  "O3'" ? ? ? 1_555 A DC  7  P  ? ? A CBR 6  A DC  7  1_555 ? ? ? ? ? ? ?            1.605 ? ? 
covale3  covale both ? B DG  5  "O3'" ? ? ? 1_555 B CBR 6  P  ? ? B DG  15 B CBR 16 1_555 ? ? ? ? ? ? ?            1.577 ? ? 
covale4  covale both ? B CBR 6  "O3'" ? ? ? 1_555 B DC  7  P  ? ? B CBR 16 B DC  17 1_555 ? ? ? ? ? ? ?            1.623 ? ? 
hydrog1  hydrog ?    ? A DC  1  N3    ? ? ? 1_555 B DG  10 N1 ? ? A DC  1  B DG  20 1_555 ? ? ? ? ? ? WATSON-CRICK ?     ? ? 
hydrog2  hydrog ?    ? A DC  1  N4    ? ? ? 1_555 B DG  10 O6 ? ? A DC  1  B DG  20 1_555 ? ? ? ? ? ? WATSON-CRICK ?     ? ? 
hydrog3  hydrog ?    ? A DC  1  O2    ? ? ? 1_555 B DG  10 N2 ? ? A DC  1  B DG  20 1_555 ? ? ? ? ? ? WATSON-CRICK ?     ? ? 
hydrog4  hydrog ?    ? A DC  2  N3    ? ? ? 1_555 B DG  9  N1 ? ? A DC  2  B DG  19 1_555 ? ? ? ? ? ? WATSON-CRICK ?     ? ? 
hydrog5  hydrog ?    ? A DC  2  N4    ? ? ? 1_555 B DG  9  O6 ? ? A DC  2  B DG  19 1_555 ? ? ? ? ? ? WATSON-CRICK ?     ? ? 
hydrog6  hydrog ?    ? A DC  2  O2    ? ? ? 1_555 B DG  9  N2 ? ? A DC  2  B DG  19 1_555 ? ? ? ? ? ? WATSON-CRICK ?     ? ? 
hydrog7  hydrog ?    ? A DA  3  N1    ? ? ? 1_555 B DT  8  N3 ? ? A DA  3  B DT  18 1_555 ? ? ? ? ? ? WATSON-CRICK ?     ? ? 
hydrog8  hydrog ?    ? A DA  3  N6    ? ? ? 1_555 B DT  8  O4 ? ? A DA  3  B DT  18 1_555 ? ? ? ? ? ? WATSON-CRICK ?     ? ? 
hydrog9  hydrog ?    ? A DG  4  N1    ? ? ? 1_555 B DC  7  N3 ? ? A DG  4  B DC  17 1_555 ? ? ? ? ? ? WATSON-CRICK ?     ? ? 
hydrog10 hydrog ?    ? A DG  4  N2    ? ? ? 1_555 B DC  7  O2 ? ? A DG  4  B DC  17 1_555 ? ? ? ? ? ? WATSON-CRICK ?     ? ? 
hydrog11 hydrog ?    ? A DG  4  O6    ? ? ? 1_555 B DC  7  N4 ? ? A DG  4  B DC  17 1_555 ? ? ? ? ? ? WATSON-CRICK ?     ? ? 
hydrog12 hydrog ?    ? A DG  5  N1    ? ? ? 1_555 B CBR 6  N3 ? ? A DG  5  B CBR 16 1_555 ? ? ? ? ? ? WATSON-CRICK ?     ? ? 
hydrog13 hydrog ?    ? A DG  5  N2    ? ? ? 1_555 B CBR 6  O2 ? ? A DG  5  B CBR 16 1_555 ? ? ? ? ? ? WATSON-CRICK ?     ? ? 
hydrog14 hydrog ?    ? A DG  5  O6    ? ? ? 1_555 B CBR 6  N4 ? ? A DG  5  B CBR 16 1_555 ? ? ? ? ? ? WATSON-CRICK ?     ? ? 
hydrog15 hydrog ?    ? A CBR 6  N3    ? ? ? 1_555 B DG  5  N1 ? ? A CBR 6  B DG  15 1_555 ? ? ? ? ? ? WATSON-CRICK ?     ? ? 
hydrog16 hydrog ?    ? A CBR 6  N4    ? ? ? 1_555 B DG  5  O6 ? ? A CBR 6  B DG  15 1_555 ? ? ? ? ? ? WATSON-CRICK ?     ? ? 
hydrog17 hydrog ?    ? A CBR 6  O2    ? ? ? 1_555 B DG  5  N2 ? ? A CBR 6  B DG  15 1_555 ? ? ? ? ? ? WATSON-CRICK ?     ? ? 
hydrog18 hydrog ?    ? A DC  7  N3    ? ? ? 1_555 B DG  4  N1 ? ? A DC  7  B DG  14 1_555 ? ? ? ? ? ? WATSON-CRICK ?     ? ? 
hydrog19 hydrog ?    ? A DC  7  N4    ? ? ? 1_555 B DG  4  O6 ? ? A DC  7  B DG  14 1_555 ? ? ? ? ? ? WATSON-CRICK ?     ? ? 
hydrog20 hydrog ?    ? A DC  7  O2    ? ? ? 1_555 B DG  4  N2 ? ? A DC  7  B DG  14 1_555 ? ? ? ? ? ? WATSON-CRICK ?     ? ? 
hydrog21 hydrog ?    ? A DT  8  N3    ? ? ? 1_555 B DA  3  N1 ? ? A DT  8  B DA  13 1_555 ? ? ? ? ? ? WATSON-CRICK ?     ? ? 
hydrog22 hydrog ?    ? A DT  8  O4    ? ? ? 1_555 B DA  3  N6 ? ? A DT  8  B DA  13 1_555 ? ? ? ? ? ? WATSON-CRICK ?     ? ? 
hydrog23 hydrog ?    ? A DG  9  N1    ? ? ? 1_555 B DC  2  N3 ? ? A DG  9  B DC  12 1_555 ? ? ? ? ? ? WATSON-CRICK ?     ? ? 
hydrog24 hydrog ?    ? A DG  9  N2    ? ? ? 1_555 B DC  2  O2 ? ? A DG  9  B DC  12 1_555 ? ? ? ? ? ? WATSON-CRICK ?     ? ? 
hydrog25 hydrog ?    ? A DG  9  O6    ? ? ? 1_555 B DC  2  N4 ? ? A DG  9  B DC  12 1_555 ? ? ? ? ? ? WATSON-CRICK ?     ? ? 
hydrog26 hydrog ?    ? A DG  10 N1    ? ? ? 1_555 B DC  1  N3 ? ? A DG  10 B DC  11 1_555 ? ? ? ? ? ? WATSON-CRICK ?     ? ? 
hydrog27 hydrog ?    ? A DG  10 N2    ? ? ? 1_555 B DC  1  O2 ? ? A DG  10 B DC  11 1_555 ? ? ? ? ? ? WATSON-CRICK ?     ? ? 
hydrog28 hydrog ?    ? A DG  10 O6    ? ? ? 1_555 B DC  1  N4 ? ? A DG  10 B DC  11 1_555 ? ? ? ? ? ? WATSON-CRICK ?     ? ? 
# 
loop_
_struct_conn_type.id 
_struct_conn_type.criteria 
_struct_conn_type.reference 
covale ? ? 
hydrog ? ? 
# 
loop_
_struct_site.id 
_struct_site.pdbx_evidence_code 
_struct_site.pdbx_auth_asym_id 
_struct_site.pdbx_auth_comp_id 
_struct_site.pdbx_auth_seq_id 
_struct_site.pdbx_auth_ins_code 
_struct_site.pdbx_num_residues 
_struct_site.details 
AC1 Software B IIP 21 ? 14 'BINDING SITE FOR RESIDUE IIP B 21' 
AC2 Software A IIP 22 ? 17 'BINDING SITE FOR RESIDUE IIP A 22' 
1   ?        ? ?   ?  ? ?  ?                                   
# 
loop_
_struct_site_gen.id 
_struct_site_gen.site_id 
_struct_site_gen.pdbx_num_res 
_struct_site_gen.label_comp_id 
_struct_site_gen.label_asym_id 
_struct_site_gen.label_seq_id 
_struct_site_gen.pdbx_auth_ins_code 
_struct_site_gen.auth_comp_id 
_struct_site_gen.auth_asym_id 
_struct_site_gen.auth_seq_id 
_struct_site_gen.label_atom_id 
_struct_site_gen.label_alt_id 
_struct_site_gen.symmetry 
_struct_site_gen.details 
1  AC1 14 DA  A 3 ? DA  A 3  . ? 1_555 ? 
2  AC1 14 DG  A 4 ? DG  A 4  . ? 1_555 ? 
3  AC1 14 DG  A 5 ? DG  A 5  . ? 1_555 ? 
4  AC1 14 IIP C . ? IIP A 22 . ? 1_555 ? 
5  AC1 14 HOH E . ? HOH A 74 . ? 1_555 ? 
6  AC1 14 HOH E . ? HOH A 92 . ? 1_555 ? 
7  AC1 14 DG  B 4 ? DG  B 14 . ? 1_555 ? 
8  AC1 14 DG  B 5 ? DG  B 15 . ? 1_555 ? 
9  AC1 14 CBR B 6 ? CBR B 16 . ? 1_555 ? 
10 AC1 14 DC  B 7 ? DC  B 17 . ? 1_555 ? 
11 AC1 14 DT  B 8 ? DT  B 18 . ? 1_555 ? 
12 AC1 14 DG  B 9 ? DG  B 19 . ? 1_555 ? 
13 AC1 14 HOH F . ? HOH B 81 . ? 1_555 ? 
14 AC1 14 HOH F . ? HOH B 82 . ? 1_555 ? 
15 AC2 17 DG  A 4 ? DG  A 4  . ? 1_555 ? 
16 AC2 17 DG  A 5 ? DG  A 5  . ? 1_555 ? 
17 AC2 17 CBR A 6 ? CBR A 6  . ? 1_555 ? 
18 AC2 17 DC  A 7 ? DC  A 7  . ? 1_555 ? 
19 AC2 17 DT  A 8 ? DT  A 8  . ? 1_555 ? 
20 AC2 17 DG  A 9 ? DG  A 9  . ? 1_555 ? 
21 AC2 17 HOH E . ? HOH A 52 . ? 1_555 ? 
22 AC2 17 HOH E . ? HOH A 74 . ? 1_555 ? 
23 AC2 17 HOH E . ? HOH A 77 . ? 1_555 ? 
24 AC2 17 HOH E . ? HOH A 78 . ? 1_555 ? 
25 AC2 17 HOH E . ? HOH A 80 . ? 1_555 ? 
26 AC2 17 HOH E . ? HOH A 91 . ? 1_555 ? 
27 AC2 17 HOH E . ? HOH A 92 . ? 1_555 ? 
28 AC2 17 DA  B 3 ? DA  B 13 . ? 1_555 ? 
29 AC2 17 DG  B 4 ? DG  B 14 . ? 1_555 ? 
30 AC2 17 DG  B 5 ? DG  B 15 . ? 1_555 ? 
31 AC2 17 IIP D . ? IIP B 21 . ? 1_555 ? 
# 
loop_
_pdbx_validate_close_contact.id 
_pdbx_validate_close_contact.PDB_model_num 
_pdbx_validate_close_contact.auth_atom_id_1 
_pdbx_validate_close_contact.auth_asym_id_1 
_pdbx_validate_close_contact.auth_comp_id_1 
_pdbx_validate_close_contact.auth_seq_id_1 
_pdbx_validate_close_contact.PDB_ins_code_1 
_pdbx_validate_close_contact.label_alt_id_1 
_pdbx_validate_close_contact.auth_atom_id_2 
_pdbx_validate_close_contact.auth_asym_id_2 
_pdbx_validate_close_contact.auth_comp_id_2 
_pdbx_validate_close_contact.auth_seq_id_2 
_pdbx_validate_close_contact.PDB_ins_code_2 
_pdbx_validate_close_contact.label_alt_id_2 
_pdbx_validate_close_contact.dist 
1  1 C3  A IIP 22 ? ? O A HOH 91 ? ? 1.88 
2  1 O1  A IIP 22 ? ? O A HOH 91 ? ? 1.92 
3  1 OP2 B DC  12 ? ? O B HOH 84 ? ? 1.93 
4  1 C15 B IIP 21 ? ? O A HOH 92 ? ? 2.01 
5  1 O5  A IIP 22 ? B O A HOH 52 ? ? 2.01 
6  1 N   A IIP 22 ? ? O A HOH 91 ? ? 2.03 
7  1 O   A HOH 38 ? ? O A HOH 88 ? ? 2.12 
8  1 C5  B DC  11 ? ? O B HOH 87 ? ? 2.17 
9  1 OP2 B DG  15 ? ? O B HOH 33 ? ? 2.17 
10 1 O4  A IIP 22 ? ? O A HOH 92 ? ? 2.19 
# 
_pdbx_validate_symm_contact.id                1 
_pdbx_validate_symm_contact.PDB_model_num     1 
_pdbx_validate_symm_contact.auth_atom_id_1    O 
_pdbx_validate_symm_contact.auth_asym_id_1    A 
_pdbx_validate_symm_contact.auth_comp_id_1    HOH 
_pdbx_validate_symm_contact.auth_seq_id_1     61 
_pdbx_validate_symm_contact.PDB_ins_code_1    ? 
_pdbx_validate_symm_contact.label_alt_id_1    ? 
_pdbx_validate_symm_contact.site_symmetry_1   1_555 
_pdbx_validate_symm_contact.auth_atom_id_2    O 
_pdbx_validate_symm_contact.auth_asym_id_2    B 
_pdbx_validate_symm_contact.auth_comp_id_2    HOH 
_pdbx_validate_symm_contact.auth_seq_id_2     81 
_pdbx_validate_symm_contact.PDB_ins_code_2    ? 
_pdbx_validate_symm_contact.label_alt_id_2    ? 
_pdbx_validate_symm_contact.site_symmetry_2   4_445 
_pdbx_validate_symm_contact.dist              2.00 
# 
loop_
_pdbx_validate_rmsd_bond.id 
_pdbx_validate_rmsd_bond.PDB_model_num 
_pdbx_validate_rmsd_bond.auth_atom_id_1 
_pdbx_validate_rmsd_bond.auth_asym_id_1 
_pdbx_validate_rmsd_bond.auth_comp_id_1 
_pdbx_validate_rmsd_bond.auth_seq_id_1 
_pdbx_validate_rmsd_bond.PDB_ins_code_1 
_pdbx_validate_rmsd_bond.label_alt_id_1 
_pdbx_validate_rmsd_bond.auth_atom_id_2 
_pdbx_validate_rmsd_bond.auth_asym_id_2 
_pdbx_validate_rmsd_bond.auth_comp_id_2 
_pdbx_validate_rmsd_bond.auth_seq_id_2 
_pdbx_validate_rmsd_bond.PDB_ins_code_2 
_pdbx_validate_rmsd_bond.label_alt_id_2 
_pdbx_validate_rmsd_bond.bond_value 
_pdbx_validate_rmsd_bond.bond_target_value 
_pdbx_validate_rmsd_bond.bond_deviation 
_pdbx_validate_rmsd_bond.bond_standard_deviation 
_pdbx_validate_rmsd_bond.linker_flag 
1  1 N1 A DC 1  ? ? C2 A DC 1  ? ? 1.312 1.397 -0.085 0.010 N 
2  1 N1 A DG 5  ? ? C2 A DG 5  ? ? 1.322 1.373 -0.051 0.008 N 
3  1 N3 A DG 5  ? ? C4 A DG 5  ? ? 1.302 1.350 -0.048 0.007 N 
4  1 C2 A DG 9  ? ? N3 A DG 9  ? ? 1.263 1.323 -0.060 0.008 N 
5  1 N3 A DG 9  ? ? C4 A DG 9  ? ? 1.277 1.350 -0.073 0.007 N 
6  1 C5 A DG 9  ? ? C6 A DG 9  ? ? 1.339 1.419 -0.080 0.010 N 
7  1 C6 A DG 9  ? ? N1 A DG 9  ? ? 1.347 1.391 -0.044 0.007 N 
8  1 C6 A DG 10 ? ? O6 A DG 10 ? ? 1.170 1.237 -0.067 0.009 N 
9  1 C2 B DC 12 ? ? O2 B DC 12 ? ? 1.167 1.240 -0.073 0.009 N 
10 1 C5 B DA 13 ? ? C6 B DA 13 ? ? 1.471 1.406 0.065  0.009 N 
11 1 N3 B DG 14 ? ? C4 B DG 14 ? ? 1.426 1.350 0.076  0.007 N 
12 1 C6 B DG 14 ? ? N1 B DG 14 ? ? 1.441 1.391 0.050  0.007 N 
13 1 C5 B DG 14 ? ? N7 B DG 14 ? ? 1.437 1.388 0.049  0.006 N 
14 1 C2 B DC 17 ? ? O2 B DC 17 ? ? 1.178 1.240 -0.062 0.009 N 
# 
loop_
_pdbx_validate_rmsd_angle.id 
_pdbx_validate_rmsd_angle.PDB_model_num 
_pdbx_validate_rmsd_angle.auth_atom_id_1 
_pdbx_validate_rmsd_angle.auth_asym_id_1 
_pdbx_validate_rmsd_angle.auth_comp_id_1 
_pdbx_validate_rmsd_angle.auth_seq_id_1 
_pdbx_validate_rmsd_angle.PDB_ins_code_1 
_pdbx_validate_rmsd_angle.label_alt_id_1 
_pdbx_validate_rmsd_angle.auth_atom_id_2 
_pdbx_validate_rmsd_angle.auth_asym_id_2 
_pdbx_validate_rmsd_angle.auth_comp_id_2 
_pdbx_validate_rmsd_angle.auth_seq_id_2 
_pdbx_validate_rmsd_angle.PDB_ins_code_2 
_pdbx_validate_rmsd_angle.label_alt_id_2 
_pdbx_validate_rmsd_angle.auth_atom_id_3 
_pdbx_validate_rmsd_angle.auth_asym_id_3 
_pdbx_validate_rmsd_angle.auth_comp_id_3 
_pdbx_validate_rmsd_angle.auth_seq_id_3 
_pdbx_validate_rmsd_angle.PDB_ins_code_3 
_pdbx_validate_rmsd_angle.label_alt_id_3 
_pdbx_validate_rmsd_angle.angle_value 
_pdbx_validate_rmsd_angle.angle_target_value 
_pdbx_validate_rmsd_angle.angle_deviation 
_pdbx_validate_rmsd_angle.angle_standard_deviation 
_pdbx_validate_rmsd_angle.linker_flag 
1 1 N3    A DG 10 ? ? C2    A DG 10 ? ? N2    A DG 10 ? ? 115.33 119.90 -4.57 0.70 N 
2 1 N9    B DG 14 ? ? C4    B DG 14 ? ? C5    B DG 14 ? ? 107.80 105.40 2.40  0.40 N 
3 1 "C5'" B DT 18 ? ? "C4'" B DT 18 ? ? "O4'" B DT 18 ? ? 116.62 109.80 6.82  1.10 N 
4 1 C8    B DG 19 ? ? N9    B DG 19 ? ? C4    B DG 19 ? ? 103.97 106.40 -2.43 0.40 N 
5 1 "C3'" B DG 20 ? ? "C2'" B DG 20 ? ? "C1'" B DG 20 ? ? 97.55  102.40 -4.85 0.80 N 
# 
_pdbx_validate_planes.id              1 
_pdbx_validate_planes.PDB_model_num   1 
_pdbx_validate_planes.auth_comp_id    DG 
_pdbx_validate_planes.auth_asym_id    B 
_pdbx_validate_planes.auth_seq_id     15 
_pdbx_validate_planes.PDB_ins_code    ? 
_pdbx_validate_planes.label_alt_id    ? 
_pdbx_validate_planes.rmsd            0.058 
_pdbx_validate_planes.type            'SIDE CHAIN' 
# 
loop_
_pdbx_struct_mod_residue.id 
_pdbx_struct_mod_residue.label_asym_id 
_pdbx_struct_mod_residue.label_comp_id 
_pdbx_struct_mod_residue.label_seq_id 
_pdbx_struct_mod_residue.auth_asym_id 
_pdbx_struct_mod_residue.auth_comp_id 
_pdbx_struct_mod_residue.auth_seq_id 
_pdbx_struct_mod_residue.PDB_ins_code 
_pdbx_struct_mod_residue.parent_comp_id 
_pdbx_struct_mod_residue.details 
1 A CBR 6 A CBR 6  ? DC ? 
2 B CBR 6 B CBR 16 ? DC ? 
# 
_struct_site_keywords.site_id   1 
_struct_site_keywords.text      'MINOR GROOVE BINDER' 
# 
loop_
_chem_comp_atom.comp_id 
_chem_comp_atom.atom_id 
_chem_comp_atom.type_symbol 
_chem_comp_atom.pdbx_aromatic_flag 
_chem_comp_atom.pdbx_stereo_config 
_chem_comp_atom.pdbx_ordinal 
CBR BR     BR N N 1   
CBR P      P  N N 2   
CBR OP1    O  N N 3   
CBR OP2    O  N N 4   
CBR "O5'"  O  N N 5   
CBR N1     N  N N 6   
CBR C6     C  N N 7   
CBR C2     C  N N 8   
CBR O2     O  N N 9   
CBR N3     N  N N 10  
CBR C4     C  N N 11  
CBR N4     N  N N 12  
CBR C5     C  N N 13  
CBR "C2'"  C  N N 14  
CBR "C5'"  C  N N 15  
CBR "C4'"  C  N R 16  
CBR "O4'"  O  N N 17  
CBR "C1'"  C  N R 18  
CBR "C3'"  C  N S 19  
CBR "O3'"  O  N N 20  
CBR OP3    O  N N 21  
CBR HOP2   H  N N 22  
CBR H6     H  N N 23  
CBR H41    H  N N 24  
CBR H42    H  N N 25  
CBR "H2'"  H  N N 26  
CBR "H2''" H  N N 27  
CBR "H5'"  H  N N 28  
CBR "H5''" H  N N 29  
CBR "H4'"  H  N N 30  
CBR "H1'"  H  N N 31  
CBR "H3'"  H  N N 32  
CBR "HO3'" H  N N 33  
CBR HOP3   H  N N 34  
DA  OP3    O  N N 35  
DA  P      P  N N 36  
DA  OP1    O  N N 37  
DA  OP2    O  N N 38  
DA  "O5'"  O  N N 39  
DA  "C5'"  C  N N 40  
DA  "C4'"  C  N R 41  
DA  "O4'"  O  N N 42  
DA  "C3'"  C  N S 43  
DA  "O3'"  O  N N 44  
DA  "C2'"  C  N N 45  
DA  "C1'"  C  N R 46  
DA  N9     N  Y N 47  
DA  C8     C  Y N 48  
DA  N7     N  Y N 49  
DA  C5     C  Y N 50  
DA  C6     C  Y N 51  
DA  N6     N  N N 52  
DA  N1     N  Y N 53  
DA  C2     C  Y N 54  
DA  N3     N  Y N 55  
DA  C4     C  Y N 56  
DA  HOP3   H  N N 57  
DA  HOP2   H  N N 58  
DA  "H5'"  H  N N 59  
DA  "H5''" H  N N 60  
DA  "H4'"  H  N N 61  
DA  "H3'"  H  N N 62  
DA  "HO3'" H  N N 63  
DA  "H2'"  H  N N 64  
DA  "H2''" H  N N 65  
DA  "H1'"  H  N N 66  
DA  H8     H  N N 67  
DA  H61    H  N N 68  
DA  H62    H  N N 69  
DA  H2     H  N N 70  
DC  OP3    O  N N 71  
DC  P      P  N N 72  
DC  OP1    O  N N 73  
DC  OP2    O  N N 74  
DC  "O5'"  O  N N 75  
DC  "C5'"  C  N N 76  
DC  "C4'"  C  N R 77  
DC  "O4'"  O  N N 78  
DC  "C3'"  C  N S 79  
DC  "O3'"  O  N N 80  
DC  "C2'"  C  N N 81  
DC  "C1'"  C  N R 82  
DC  N1     N  N N 83  
DC  C2     C  N N 84  
DC  O2     O  N N 85  
DC  N3     N  N N 86  
DC  C4     C  N N 87  
DC  N4     N  N N 88  
DC  C5     C  N N 89  
DC  C6     C  N N 90  
DC  HOP3   H  N N 91  
DC  HOP2   H  N N 92  
DC  "H5'"  H  N N 93  
DC  "H5''" H  N N 94  
DC  "H4'"  H  N N 95  
DC  "H3'"  H  N N 96  
DC  "HO3'" H  N N 97  
DC  "H2'"  H  N N 98  
DC  "H2''" H  N N 99  
DC  "H1'"  H  N N 100 
DC  H41    H  N N 101 
DC  H42    H  N N 102 
DC  H5     H  N N 103 
DC  H6     H  N N 104 
DG  OP3    O  N N 105 
DG  P      P  N N 106 
DG  OP1    O  N N 107 
DG  OP2    O  N N 108 
DG  "O5'"  O  N N 109 
DG  "C5'"  C  N N 110 
DG  "C4'"  C  N R 111 
DG  "O4'"  O  N N 112 
DG  "C3'"  C  N S 113 
DG  "O3'"  O  N N 114 
DG  "C2'"  C  N N 115 
DG  "C1'"  C  N R 116 
DG  N9     N  Y N 117 
DG  C8     C  Y N 118 
DG  N7     N  Y N 119 
DG  C5     C  Y N 120 
DG  C6     C  N N 121 
DG  O6     O  N N 122 
DG  N1     N  N N 123 
DG  C2     C  N N 124 
DG  N2     N  N N 125 
DG  N3     N  N N 126 
DG  C4     C  Y N 127 
DG  HOP3   H  N N 128 
DG  HOP2   H  N N 129 
DG  "H5'"  H  N N 130 
DG  "H5''" H  N N 131 
DG  "H4'"  H  N N 132 
DG  "H3'"  H  N N 133 
DG  "HO3'" H  N N 134 
DG  "H2'"  H  N N 135 
DG  "H2''" H  N N 136 
DG  "H1'"  H  N N 137 
DG  H8     H  N N 138 
DG  H1     H  N N 139 
DG  H21    H  N N 140 
DG  H22    H  N N 141 
DT  OP3    O  N N 142 
DT  P      P  N N 143 
DT  OP1    O  N N 144 
DT  OP2    O  N N 145 
DT  "O5'"  O  N N 146 
DT  "C5'"  C  N N 147 
DT  "C4'"  C  N R 148 
DT  "O4'"  O  N N 149 
DT  "C3'"  C  N S 150 
DT  "O3'"  O  N N 151 
DT  "C2'"  C  N N 152 
DT  "C1'"  C  N R 153 
DT  N1     N  N N 154 
DT  C2     C  N N 155 
DT  O2     O  N N 156 
DT  N3     N  N N 157 
DT  C4     C  N N 158 
DT  O4     O  N N 159 
DT  C5     C  N N 160 
DT  C7     C  N N 161 
DT  C6     C  N N 162 
DT  HOP3   H  N N 163 
DT  HOP2   H  N N 164 
DT  "H5'"  H  N N 165 
DT  "H5''" H  N N 166 
DT  "H4'"  H  N N 167 
DT  "H3'"  H  N N 168 
DT  "HO3'" H  N N 169 
DT  "H2'"  H  N N 170 
DT  "H2''" H  N N 171 
DT  "H1'"  H  N N 172 
DT  H3     H  N N 173 
DT  H71    H  N N 174 
DT  H72    H  N N 175 
DT  H73    H  N N 176 
DT  H6     H  N N 177 
HOH O      O  N N 178 
HOH H1     H  N N 179 
HOH H2     H  N N 180 
IIP C      C  Y N 181 
IIP C1     C  Y N 182 
IIP C2     C  Y N 183 
IIP C3     C  N N 184 
IIP C4     C  Y N 185 
IIP C5     C  N N 186 
IIP C6     C  Y N 187 
IIP C8     C  Y N 188 
IIP C9     C  N N 189 
IIP C10    C  Y N 190 
IIP C11    C  N N 191 
IIP C12    C  Y N 192 
IIP C13    C  Y N 193 
IIP C14    C  Y N 194 
IIP C15    C  N N 195 
IIP C16    C  Y N 196 
IIP C18    C  N N 197 
IIP C19    C  N N 198 
IIP C20    C  N N 199 
IIP C21    C  N N 200 
IIP C22    C  N N 201 
IIP C23    C  N N 202 
IIP C24    C  N N 203 
IIP C25    C  Y N 204 
IIP C26    C  Y N 205 
IIP C27    C  Y N 206 
IIP C28    C  N N 207 
IIP C29    C  N N 208 
IIP C30    C  N N 209 
IIP C31    C  N N 210 
IIP O1     O  N N 211 
IIP O2     O  N N 212 
IIP O3     O  N N 213 
IIP O4     O  N N 214 
IIP O5     O  N N 215 
IIP N      N  Y N 216 
IIP N1     N  N N 217 
IIP N2     N  Y N 218 
IIP N3     N  Y N 219 
IIP N4     N  N N 220 
IIP N5     N  Y N 221 
IIP N6     N  N N 222 
IIP N7     N  N N 223 
IIP N8     N  N N 224 
IIP N9     N  Y N 225 
IIP N10    N  Y N 226 
IIP N11    N  N N 227 
IIP H1     H  N N 228 
IIP H2     H  N N 229 
IIP H31    H  N N 230 
IIP H32    H  N N 231 
IIP H33    H  N N 232 
IIP H8     H  N N 233 
IIP H91    H  N N 234 
IIP H92    H  N N 235 
IIP H93    H  N N 236 
IIP H13    H  N N 237 
IIP H14    H  N N 238 
IIP H151   H  N N 239 
IIP H152   H  N N 240 
IIP H153   H  N N 241 
IIP H181   H  N N 242 
IIP H182   H  N N 243 
IIP H191   H  N N 244 
IIP H192   H  N N 245 
IIP H201   H  N N 246 
IIP H202   H  N N 247 
IIP H211   H  N N 248 
IIP H212   H  N N 249 
IIP H213   H  N N 250 
IIP H221   H  N N 251 
IIP H222   H  N N 252 
IIP H223   H  N N 253 
IIP H26    H  N N 254 
IIP H27    H  N N 255 
IIP H281   H  N N 256 
IIP H282   H  N N 257 
IIP H283   H  N N 258 
IIP H291   H  N N 259 
IIP H292   H  N N 260 
IIP H301   H  N N 261 
IIP H302   H  N N 262 
IIP HN1    H  N N 263 
IIP HN4    H  N N 264 
IIP HN6    H  N N 265 
IIP HN7    H  N N 266 
IIP HN8    H  N N 267 
IIP H11    H  N N 268 
# 
loop_
_chem_comp_bond.comp_id 
_chem_comp_bond.atom_id_1 
_chem_comp_bond.atom_id_2 
_chem_comp_bond.value_order 
_chem_comp_bond.pdbx_aromatic_flag 
_chem_comp_bond.pdbx_stereo_config 
_chem_comp_bond.pdbx_ordinal 
CBR BR    C5     sing N N 1   
CBR P     OP1    doub N N 2   
CBR P     OP2    sing N N 3   
CBR P     "O5'"  sing N N 4   
CBR P     OP3    sing N N 5   
CBR OP2   HOP2   sing N N 6   
CBR "O5'" "C5'"  sing N N 7   
CBR N1    C6     sing N N 8   
CBR N1    C2     sing N N 9   
CBR N1    "C1'"  sing N N 10  
CBR C6    C5     doub N N 11  
CBR C6    H6     sing N N 12  
CBR C2    O2     doub N N 13  
CBR C2    N3     sing N N 14  
CBR N3    C4     doub N N 15  
CBR C4    N4     sing N N 16  
CBR C4    C5     sing N N 17  
CBR N4    H41    sing N N 18  
CBR N4    H42    sing N N 19  
CBR "C2'" "C1'"  sing N N 20  
CBR "C2'" "C3'"  sing N N 21  
CBR "C2'" "H2'"  sing N N 22  
CBR "C2'" "H2''" sing N N 23  
CBR "C5'" "C4'"  sing N N 24  
CBR "C5'" "H5'"  sing N N 25  
CBR "C5'" "H5''" sing N N 26  
CBR "C4'" "O4'"  sing N N 27  
CBR "C4'" "C3'"  sing N N 28  
CBR "C4'" "H4'"  sing N N 29  
CBR "O4'" "C1'"  sing N N 30  
CBR "C1'" "H1'"  sing N N 31  
CBR "C3'" "O3'"  sing N N 32  
CBR "C3'" "H3'"  sing N N 33  
CBR "O3'" "HO3'" sing N N 34  
CBR OP3   HOP3   sing N N 35  
DA  OP3   P      sing N N 36  
DA  OP3   HOP3   sing N N 37  
DA  P     OP1    doub N N 38  
DA  P     OP2    sing N N 39  
DA  P     "O5'"  sing N N 40  
DA  OP2   HOP2   sing N N 41  
DA  "O5'" "C5'"  sing N N 42  
DA  "C5'" "C4'"  sing N N 43  
DA  "C5'" "H5'"  sing N N 44  
DA  "C5'" "H5''" sing N N 45  
DA  "C4'" "O4'"  sing N N 46  
DA  "C4'" "C3'"  sing N N 47  
DA  "C4'" "H4'"  sing N N 48  
DA  "O4'" "C1'"  sing N N 49  
DA  "C3'" "O3'"  sing N N 50  
DA  "C3'" "C2'"  sing N N 51  
DA  "C3'" "H3'"  sing N N 52  
DA  "O3'" "HO3'" sing N N 53  
DA  "C2'" "C1'"  sing N N 54  
DA  "C2'" "H2'"  sing N N 55  
DA  "C2'" "H2''" sing N N 56  
DA  "C1'" N9     sing N N 57  
DA  "C1'" "H1'"  sing N N 58  
DA  N9    C8     sing Y N 59  
DA  N9    C4     sing Y N 60  
DA  C8    N7     doub Y N 61  
DA  C8    H8     sing N N 62  
DA  N7    C5     sing Y N 63  
DA  C5    C6     sing Y N 64  
DA  C5    C4     doub Y N 65  
DA  C6    N6     sing N N 66  
DA  C6    N1     doub Y N 67  
DA  N6    H61    sing N N 68  
DA  N6    H62    sing N N 69  
DA  N1    C2     sing Y N 70  
DA  C2    N3     doub Y N 71  
DA  C2    H2     sing N N 72  
DA  N3    C4     sing Y N 73  
DC  OP3   P      sing N N 74  
DC  OP3   HOP3   sing N N 75  
DC  P     OP1    doub N N 76  
DC  P     OP2    sing N N 77  
DC  P     "O5'"  sing N N 78  
DC  OP2   HOP2   sing N N 79  
DC  "O5'" "C5'"  sing N N 80  
DC  "C5'" "C4'"  sing N N 81  
DC  "C5'" "H5'"  sing N N 82  
DC  "C5'" "H5''" sing N N 83  
DC  "C4'" "O4'"  sing N N 84  
DC  "C4'" "C3'"  sing N N 85  
DC  "C4'" "H4'"  sing N N 86  
DC  "O4'" "C1'"  sing N N 87  
DC  "C3'" "O3'"  sing N N 88  
DC  "C3'" "C2'"  sing N N 89  
DC  "C3'" "H3'"  sing N N 90  
DC  "O3'" "HO3'" sing N N 91  
DC  "C2'" "C1'"  sing N N 92  
DC  "C2'" "H2'"  sing N N 93  
DC  "C2'" "H2''" sing N N 94  
DC  "C1'" N1     sing N N 95  
DC  "C1'" "H1'"  sing N N 96  
DC  N1    C2     sing N N 97  
DC  N1    C6     sing N N 98  
DC  C2    O2     doub N N 99  
DC  C2    N3     sing N N 100 
DC  N3    C4     doub N N 101 
DC  C4    N4     sing N N 102 
DC  C4    C5     sing N N 103 
DC  N4    H41    sing N N 104 
DC  N4    H42    sing N N 105 
DC  C5    C6     doub N N 106 
DC  C5    H5     sing N N 107 
DC  C6    H6     sing N N 108 
DG  OP3   P      sing N N 109 
DG  OP3   HOP3   sing N N 110 
DG  P     OP1    doub N N 111 
DG  P     OP2    sing N N 112 
DG  P     "O5'"  sing N N 113 
DG  OP2   HOP2   sing N N 114 
DG  "O5'" "C5'"  sing N N 115 
DG  "C5'" "C4'"  sing N N 116 
DG  "C5'" "H5'"  sing N N 117 
DG  "C5'" "H5''" sing N N 118 
DG  "C4'" "O4'"  sing N N 119 
DG  "C4'" "C3'"  sing N N 120 
DG  "C4'" "H4'"  sing N N 121 
DG  "O4'" "C1'"  sing N N 122 
DG  "C3'" "O3'"  sing N N 123 
DG  "C3'" "C2'"  sing N N 124 
DG  "C3'" "H3'"  sing N N 125 
DG  "O3'" "HO3'" sing N N 126 
DG  "C2'" "C1'"  sing N N 127 
DG  "C2'" "H2'"  sing N N 128 
DG  "C2'" "H2''" sing N N 129 
DG  "C1'" N9     sing N N 130 
DG  "C1'" "H1'"  sing N N 131 
DG  N9    C8     sing Y N 132 
DG  N9    C4     sing Y N 133 
DG  C8    N7     doub Y N 134 
DG  C8    H8     sing N N 135 
DG  N7    C5     sing Y N 136 
DG  C5    C6     sing N N 137 
DG  C5    C4     doub Y N 138 
DG  C6    O6     doub N N 139 
DG  C6    N1     sing N N 140 
DG  N1    C2     sing N N 141 
DG  N1    H1     sing N N 142 
DG  C2    N2     sing N N 143 
DG  C2    N3     doub N N 144 
DG  N2    H21    sing N N 145 
DG  N2    H22    sing N N 146 
DG  N3    C4     sing N N 147 
DT  OP3   P      sing N N 148 
DT  OP3   HOP3   sing N N 149 
DT  P     OP1    doub N N 150 
DT  P     OP2    sing N N 151 
DT  P     "O5'"  sing N N 152 
DT  OP2   HOP2   sing N N 153 
DT  "O5'" "C5'"  sing N N 154 
DT  "C5'" "C4'"  sing N N 155 
DT  "C5'" "H5'"  sing N N 156 
DT  "C5'" "H5''" sing N N 157 
DT  "C4'" "O4'"  sing N N 158 
DT  "C4'" "C3'"  sing N N 159 
DT  "C4'" "H4'"  sing N N 160 
DT  "O4'" "C1'"  sing N N 161 
DT  "C3'" "O3'"  sing N N 162 
DT  "C3'" "C2'"  sing N N 163 
DT  "C3'" "H3'"  sing N N 164 
DT  "O3'" "HO3'" sing N N 165 
DT  "C2'" "C1'"  sing N N 166 
DT  "C2'" "H2'"  sing N N 167 
DT  "C2'" "H2''" sing N N 168 
DT  "C1'" N1     sing N N 169 
DT  "C1'" "H1'"  sing N N 170 
DT  N1    C2     sing N N 171 
DT  N1    C6     sing N N 172 
DT  C2    O2     doub N N 173 
DT  C2    N3     sing N N 174 
DT  N3    C4     sing N N 175 
DT  N3    H3     sing N N 176 
DT  C4    O4     doub N N 177 
DT  C4    C5     sing N N 178 
DT  C5    C7     sing N N 179 
DT  C5    C6     doub N N 180 
DT  C7    H71    sing N N 181 
DT  C7    H72    sing N N 182 
DT  C7    H73    sing N N 183 
DT  C6    H6     sing N N 184 
HOH O     H1     sing N N 185 
HOH O     H2     sing N N 186 
IIP C     C2     doub Y N 187 
IIP C     N2     sing Y N 188 
IIP C     N8     sing N N 189 
IIP C1    C6     sing Y N 190 
IIP C1    C10    doub Y N 191 
IIP C1    H1     sing N N 192 
IIP C2    N      sing Y N 193 
IIP C2    H2     sing N N 194 
IIP C3    N      sing N N 195 
IIP C3    H31    sing N N 196 
IIP C3    H32    sing N N 197 
IIP C3    H33    sing N N 198 
IIP C4    C5     sing N N 199 
IIP C4    N      sing Y N 200 
IIP C4    N2     doub Y N 201 
IIP C5    O1     doub N N 202 
IIP C5    N1     sing N N 203 
IIP C6    C8     doub Y N 204 
IIP C6    N1     sing N N 205 
IIP C8    N3     sing Y N 206 
IIP C8    H8     sing N N 207 
IIP C9    N3     sing N N 208 
IIP C9    H91    sing N N 209 
IIP C9    H92    sing N N 210 
IIP C9    H93    sing N N 211 
IIP C10   C11    sing N N 212 
IIP C10   N3     sing Y N 213 
IIP C11   O2     doub N N 214 
IIP C11   N4     sing N N 215 
IIP C12   C13    sing Y N 216 
IIP C12   C14    doub Y N 217 
IIP C12   N4     sing N N 218 
IIP C13   C16    doub Y N 219 
IIP C13   H13    sing N N 220 
IIP C14   N5     sing Y N 221 
IIP C14   H14    sing N N 222 
IIP C15   N5     sing N N 223 
IIP C15   H151   sing N N 224 
IIP C15   H152   sing N N 225 
IIP C15   H153   sing N N 226 
IIP C16   C23    sing N N 227 
IIP C16   N5     sing Y N 228 
IIP C18   C19    sing N N 229 
IIP C18   N6     sing N N 230 
IIP C18   H181   sing N N 231 
IIP C18   H182   sing N N 232 
IIP C19   C20    sing N N 233 
IIP C19   H191   sing N N 234 
IIP C19   H192   sing N N 235 
IIP C20   N7     sing N N 236 
IIP C20   H201   sing N N 237 
IIP C20   H202   sing N N 238 
IIP C21   N7     sing N N 239 
IIP C21   H211   sing N N 240 
IIP C21   H212   sing N N 241 
IIP C21   H213   sing N N 242 
IIP C22   N7     sing N N 243 
IIP C22   H221   sing N N 244 
IIP C22   H222   sing N N 245 
IIP C22   H223   sing N N 246 
IIP C23   O3     doub N N 247 
IIP C23   N11    sing N N 248 
IIP C24   C25    sing N N 249 
IIP C24   O4     doub N N 250 
IIP C24   N8     sing N N 251 
IIP C25   N9     sing Y N 252 
IIP C25   N10    doub Y N 253 
IIP C26   C27    doub Y N 254 
IIP C26   N10    sing Y N 255 
IIP C26   H26    sing N N 256 
IIP C27   N9     sing Y N 257 
IIP C27   H27    sing N N 258 
IIP C28   N9     sing N N 259 
IIP C28   H281   sing N N 260 
IIP C28   H282   sing N N 261 
IIP C28   H283   sing N N 262 
IIP C29   C30    sing N N 263 
IIP C29   N11    sing N N 264 
IIP C29   H291   sing N N 265 
IIP C29   H292   sing N N 266 
IIP C30   C31    sing N N 267 
IIP C30   H301   sing N N 268 
IIP C30   H302   sing N N 269 
IIP C31   O5     doub N N 270 
IIP C31   N6     sing N N 271 
IIP N1    HN1    sing N N 272 
IIP N4    HN4    sing N N 273 
IIP N6    HN6    sing N N 274 
IIP N7    HN7    sing N N 275 
IIP N8    HN8    sing N N 276 
IIP N11   H11    sing N N 277 
# 
loop_
_ndb_struct_conf_na.entry_id 
_ndb_struct_conf_na.feature 
365D 'double helix'        
365D 'b-form double helix' 
# 
loop_
_ndb_struct_na_base_pair.model_number 
_ndb_struct_na_base_pair.i_label_asym_id 
_ndb_struct_na_base_pair.i_label_comp_id 
_ndb_struct_na_base_pair.i_label_seq_id 
_ndb_struct_na_base_pair.i_symmetry 
_ndb_struct_na_base_pair.j_label_asym_id 
_ndb_struct_na_base_pair.j_label_comp_id 
_ndb_struct_na_base_pair.j_label_seq_id 
_ndb_struct_na_base_pair.j_symmetry 
_ndb_struct_na_base_pair.shear 
_ndb_struct_na_base_pair.stretch 
_ndb_struct_na_base_pair.stagger 
_ndb_struct_na_base_pair.buckle 
_ndb_struct_na_base_pair.propeller 
_ndb_struct_na_base_pair.opening 
_ndb_struct_na_base_pair.pair_number 
_ndb_struct_na_base_pair.pair_name 
_ndb_struct_na_base_pair.i_auth_asym_id 
_ndb_struct_na_base_pair.i_auth_seq_id 
_ndb_struct_na_base_pair.i_PDB_ins_code 
_ndb_struct_na_base_pair.j_auth_asym_id 
_ndb_struct_na_base_pair.j_auth_seq_id 
_ndb_struct_na_base_pair.j_PDB_ins_code 
_ndb_struct_na_base_pair.hbond_type_28 
_ndb_struct_na_base_pair.hbond_type_12 
1 A DC  1  1_555 B DG  10 1_555 -0.765 -0.070 0.141  -5.236 -21.157 -4.367 1  A_DC1:DG20_B  A 1  ? B 20 ? 19 1 
1 A DC  2  1_555 B DG  9  1_555 -0.069 -0.018 0.105  -6.939 -10.878 -1.283 2  A_DC2:DG19_B  A 2  ? B 19 ? 19 1 
1 A DA  3  1_555 B DT  8  1_555 -0.064 -0.024 0.072  2.419  -6.577  4.425  3  A_DA3:DT18_B  A 3  ? B 18 ? 20 1 
1 A DG  4  1_555 B DC  7  1_555 -0.206 -0.296 0.427  0.960  -6.883  0.175  4  A_DG4:DC17_B  A 4  ? B 17 ? 19 1 
1 A DG  5  1_555 B CBR 6  1_555 -0.040 -0.012 0.346  -4.998 -14.008 -8.591 5  A_DG5:CBR16_B A 5  ? B 16 ? 19 1 
1 A CBR 6  1_555 B DG  5  1_555 0.068  -0.054 0.575  0.073  -8.380  -8.579 6  A_CBR6:DG15_B A 6  ? B 15 ? 19 1 
1 A DC  7  1_555 B DG  4  1_555 0.434  -0.203 0.317  -0.800 -2.562  0.658  7  A_DC7:DG14_B  A 7  ? B 14 ? 19 1 
1 A DT  8  1_555 B DA  3  1_555 0.144  0.003  0.112  -4.045 -4.164  2.316  8  A_DT8:DA13_B  A 8  ? B 13 ? 20 1 
1 A DG  9  1_555 B DC  2  1_555 0.216  -0.120 -0.043 9.942  -5.815  0.214  9  A_DG9:DC12_B  A 9  ? B 12 ? 19 1 
1 A DG  10 1_555 B DC  1  1_555 0.245  -0.227 -0.014 7.398  -17.575 -2.495 10 A_DG10:DC11_B A 10 ? B 11 ? 19 1 
# 
loop_
_ndb_struct_na_base_pair_step.model_number 
_ndb_struct_na_base_pair_step.i_label_asym_id_1 
_ndb_struct_na_base_pair_step.i_label_comp_id_1 
_ndb_struct_na_base_pair_step.i_label_seq_id_1 
_ndb_struct_na_base_pair_step.i_symmetry_1 
_ndb_struct_na_base_pair_step.j_label_asym_id_1 
_ndb_struct_na_base_pair_step.j_label_comp_id_1 
_ndb_struct_na_base_pair_step.j_label_seq_id_1 
_ndb_struct_na_base_pair_step.j_symmetry_1 
_ndb_struct_na_base_pair_step.i_label_asym_id_2 
_ndb_struct_na_base_pair_step.i_label_comp_id_2 
_ndb_struct_na_base_pair_step.i_label_seq_id_2 
_ndb_struct_na_base_pair_step.i_symmetry_2 
_ndb_struct_na_base_pair_step.j_label_asym_id_2 
_ndb_struct_na_base_pair_step.j_label_comp_id_2 
_ndb_struct_na_base_pair_step.j_label_seq_id_2 
_ndb_struct_na_base_pair_step.j_symmetry_2 
_ndb_struct_na_base_pair_step.shift 
_ndb_struct_na_base_pair_step.slide 
_ndb_struct_na_base_pair_step.rise 
_ndb_struct_na_base_pair_step.tilt 
_ndb_struct_na_base_pair_step.roll 
_ndb_struct_na_base_pair_step.twist 
_ndb_struct_na_base_pair_step.x_displacement 
_ndb_struct_na_base_pair_step.y_displacement 
_ndb_struct_na_base_pair_step.helical_rise 
_ndb_struct_na_base_pair_step.inclination 
_ndb_struct_na_base_pair_step.tip 
_ndb_struct_na_base_pair_step.helical_twist 
_ndb_struct_na_base_pair_step.step_number 
_ndb_struct_na_base_pair_step.step_name 
_ndb_struct_na_base_pair_step.i_auth_asym_id_1 
_ndb_struct_na_base_pair_step.i_auth_seq_id_1 
_ndb_struct_na_base_pair_step.i_PDB_ins_code_1 
_ndb_struct_na_base_pair_step.j_auth_asym_id_1 
_ndb_struct_na_base_pair_step.j_auth_seq_id_1 
_ndb_struct_na_base_pair_step.j_PDB_ins_code_1 
_ndb_struct_na_base_pair_step.i_auth_asym_id_2 
_ndb_struct_na_base_pair_step.i_auth_seq_id_2 
_ndb_struct_na_base_pair_step.i_PDB_ins_code_2 
_ndb_struct_na_base_pair_step.j_auth_asym_id_2 
_ndb_struct_na_base_pair_step.j_auth_seq_id_2 
_ndb_struct_na_base_pair_step.j_PDB_ins_code_2 
1 A DC  1 1_555 B DG  10 1_555 A DC  2  1_555 B DG  9 1_555 0.068  0.122  3.342 1.361  9.446   37.874 -0.989 0.067  3.278 14.278  
-2.057  39.015 1 AA_DC1DC2:DG19DG20_BB   A 1 ? B 20 ? A 2  ? B 19 ? 
1 A DC  2 1_555 B DG  9  1_555 A DA  3  1_555 B DT  8 1_555 -0.164 1.411  3.169 -1.533 0.904   40.299 1.947  0.070  3.202 1.312   
2.223   40.337 2 AA_DC2DA3:DT18DG19_BB   A 2 ? B 19 ? A 3  ? B 18 ? 
1 A DA  3 1_555 B DT  8  1_555 A DG  4  1_555 B DC  7 1_555 -0.647 0.087  3.393 -5.355 13.068  23.883 -3.200 -0.035 3.097 28.600  
11.720  27.694 3 AA_DA3DG4:DC17DT18_BB   A 3 ? B 18 ? A 4  ? B 17 ? 
1 A DG  4 1_555 B DC  7  1_555 A DG  5  1_555 B CBR 6 1_555 -1.643 0.932  3.458 -7.363 4.650   42.272 0.758  1.429  3.757 6.367   
10.081  43.120 4 AA_DG4DG5:CBR16DC17_BB  A 4 ? B 17 ? A 5  ? B 16 ? 
1 A DG  5 1_555 B CBR 6  1_555 A CBR 6  1_555 B DG  5 1_555 -0.087 -0.035 3.246 -1.917 -14.884 35.811 1.771  -0.103 3.027 -23.000 
2.962   38.733 5 AA_DG5CBR6:DG15CBR16_BB A 5 ? B 16 ? A 6  ? B 15 ? 
1 A CBR 6 1_555 B DG  5  1_555 A DC  7  1_555 B DG  4 1_555 1.625  1.000  3.300 9.623  3.081   42.007 1.035  -1.193 3.631 4.225   
-13.195 43.152 6 AA_CBR6DC7:DG14DG15_BB  A 6 ? B 15 ? A 7  ? B 14 ? 
1 A DC  7 1_555 B DG  4  1_555 A DT  8  1_555 B DA  3 1_555 0.465  0.315  3.504 3.316  11.504  22.926 -2.843 -0.017 3.313 26.729  
-7.706  25.826 7 AA_DC7DT8:DA13DG14_BB   A 7 ? B 14 ? A 8  ? B 13 ? 
1 A DT  8 1_555 B DA  3  1_555 A DG  9  1_555 B DC  2 1_555 0.172  2.254  3.033 4.192  -1.541  44.547 3.090  0.125  2.961 -2.027  
-5.513  44.758 8 AA_DT8DG9:DC12DA13_BB   A 8 ? B 13 ? A 9  ? B 12 ? 
1 A DG  9 1_555 B DC  2  1_555 A DG  10 1_555 B DC  1 1_555 0.232  0.603  3.543 -0.089 11.313  30.420 -1.147 -0.433 3.536 20.683  
0.162   32.409 9 AA_DG9DG10:DC11DC12_BB  A 9 ? B 12 ? A 10 ? B 11 ? 
# 
_atom_sites.entry_id                    365D 
_atom_sites.fract_transf_matrix[1][1]   -0.00577893 
_atom_sites.fract_transf_matrix[1][2]   -0.02840548 
_atom_sites.fract_transf_matrix[1][3]   0.00222974 
_atom_sites.fract_transf_matrix[2][1]   -0.01870648 
_atom_sites.fract_transf_matrix[2][2]   0.00243942 
_atom_sites.fract_transf_matrix[2][3]   -0.01740584 
_atom_sites.fract_transf_matrix[3][1]   0.01475112 
_atom_sites.fract_transf_matrix[3][2]   -0.00429270 
_atom_sites.fract_transf_matrix[3][3]   -0.01645501 
_atom_sites.fract_transf_vector[1]      0.105593 
_atom_sites.fract_transf_vector[2]      -0.002923 
_atom_sites.fract_transf_vector[3]      0.060346 
# 
loop_
_atom_type.symbol 
BR 
C  
N  
O  
P  
# 
loop_
_atom_site.group_PDB 
_atom_site.id 
_atom_site.type_symbol 
_atom_site.label_atom_id 
_atom_site.label_alt_id 
_atom_site.label_comp_id 
_atom_site.label_asym_id 
_atom_site.label_entity_id 
_atom_site.label_seq_id 
_atom_site.pdbx_PDB_ins_code 
_atom_site.Cartn_x 
_atom_site.Cartn_y 
_atom_site.Cartn_z 
_atom_site.occupancy 
_atom_site.B_iso_or_equiv 
_atom_site.pdbx_formal_charge 
_atom_site.auth_seq_id 
_atom_site.auth_comp_id 
_atom_site.auth_asym_id 
_atom_site.auth_atom_id 
_atom_site.pdbx_PDB_model_num 
ATOM   1   O  "O5'" . DC  A 1 1  ? -10.977 -13.528 -1.884  1.00 47.78 ? 1  DC  A "O5'" 1 
ATOM   2   C  "C5'" . DC  A 1 1  ? -11.645 -14.532 -1.008  1.00 50.73 ? 1  DC  A "C5'" 1 
ATOM   3   C  "C4'" . DC  A 1 1  ? -11.172 -14.672 0.439   1.00 52.30 ? 1  DC  A "C4'" 1 
ATOM   4   O  "O4'" . DC  A 1 1  ? -9.913  -15.385 0.558   1.00 51.72 ? 1  DC  A "O4'" 1 
ATOM   5   C  "C3'" . DC  A 1 1  ? -10.919 -13.331 1.134   1.00 54.17 ? 1  DC  A "C3'" 1 
ATOM   6   O  "O3'" . DC  A 1 1  ? -11.380 -13.238 2.497   1.00 54.98 ? 1  DC  A "O3'" 1 
ATOM   7   C  "C2'" . DC  A 1 1  ? -9.412  -13.190 1.121   1.00 52.97 ? 1  DC  A "C2'" 1 
ATOM   8   C  "C1'" . DC  A 1 1  ? -8.938  -14.609 1.213   1.00 47.76 ? 1  DC  A "C1'" 1 
ATOM   9   N  N1    . DC  A 1 1  ? -7.660  -14.757 0.486   1.00 45.24 ? 1  DC  A N1    1 
ATOM   10  C  C2    . DC  A 1 1  ? -6.604  -14.958 1.238   1.00 43.46 ? 1  DC  A C2    1 
ATOM   11  O  O2    . DC  A 1 1  ? -6.826  -15.088 2.435   1.00 47.53 ? 1  DC  A O2    1 
ATOM   12  N  N3    . DC  A 1 1  ? -5.372  -15.004 0.710   1.00 39.86 ? 1  DC  A N3    1 
ATOM   13  C  C4    . DC  A 1 1  ? -5.209  -14.849 -0.594  1.00 40.77 ? 1  DC  A C4    1 
ATOM   14  N  N4    . DC  A 1 1  ? -3.927  -14.827 -1.109  1.00 37.14 ? 1  DC  A N4    1 
ATOM   15  C  C5    . DC  A 1 1  ? -6.329  -14.689 -1.439  1.00 40.41 ? 1  DC  A C5    1 
ATOM   16  C  C6    . DC  A 1 1  ? -7.530  -14.645 -0.871  1.00 42.14 ? 1  DC  A C6    1 
ATOM   17  P  P     . DC  A 1 2  ? -11.647 -11.767 3.149   1.00 56.23 ? 2  DC  A P     1 
ATOM   18  O  OP1   . DC  A 1 2  ? -12.679 -11.927 4.196   1.00 60.14 ? 2  DC  A OP1   1 
ATOM   19  O  OP2   . DC  A 1 2  ? -11.789 -10.727 2.133   1.00 55.07 ? 2  DC  A OP2   1 
ATOM   20  O  "O5'" . DC  A 1 2  ? -10.271 -11.367 3.857   1.00 55.51 ? 2  DC  A "O5'" 1 
ATOM   21  C  "C5'" . DC  A 1 2  ? -9.935  -11.862 5.144   1.00 53.20 ? 2  DC  A "C5'" 1 
ATOM   22  C  "C4'" . DC  A 1 2  ? -8.611  -11.313 5.584   1.00 51.66 ? 2  DC  A "C4'" 1 
ATOM   23  O  "O4'" . DC  A 1 2  ? -7.565  -11.780 4.697   1.00 49.09 ? 2  DC  A "O4'" 1 
ATOM   24  C  "C3'" . DC  A 1 2  ? -8.597  -9.778  5.558   1.00 51.17 ? 2  DC  A "C3'" 1 
ATOM   25  O  "O3'" . DC  A 1 2  ? -7.615  -9.312  6.414   1.00 52.62 ? 2  DC  A "O3'" 1 
ATOM   26  C  "C2'" . DC  A 1 2  ? -7.993  -9.491  4.224   1.00 48.41 ? 2  DC  A "C2'" 1 
ATOM   27  C  "C1'" . DC  A 1 2  ? -6.936  -10.642 4.167   1.00 48.36 ? 2  DC  A "C1'" 1 
ATOM   28  N  N1    . DC  A 1 2  ? -6.390  -10.997 2.826   1.00 45.25 ? 2  DC  A N1    1 
ATOM   29  C  C2    . DC  A 1 2  ? -5.040  -11.309 2.744   1.00 42.79 ? 2  DC  A C2    1 
ATOM   30  O  O2    . DC  A 1 2  ? -4.421  -11.345 3.816   1.00 37.75 ? 2  DC  A O2    1 
ATOM   31  N  N3    . DC  A 1 2  ? -4.467  -11.544 1.517   1.00 40.74 ? 2  DC  A N3    1 
ATOM   32  C  C4    . DC  A 1 2  ? -5.232  -11.490 0.413   1.00 43.86 ? 2  DC  A C4    1 
ATOM   33  N  N4    . DC  A 1 2  ? -4.659  -11.796 -0.775  1.00 46.13 ? 2  DC  A N4    1 
ATOM   34  C  C5    . DC  A 1 2  ? -6.637  -11.165 0.479   1.00 43.00 ? 2  DC  A C5    1 
ATOM   35  C  C6    . DC  A 1 2  ? -7.170  -10.960 1.691   1.00 43.18 ? 2  DC  A C6    1 
ATOM   36  P  P     . DA  A 1 3  ? -8.030  -8.421  7.653   1.00 50.77 ? 3  DA  A P     1 
ATOM   37  O  OP1   . DA  A 1 3  ? -8.692  -9.392  8.611   1.00 54.20 ? 3  DA  A OP1   1 
ATOM   38  O  OP2   . DA  A 1 3  ? -8.723  -7.220  7.173   1.00 50.60 ? 3  DA  A OP2   1 
ATOM   39  O  "O5'" . DA  A 1 3  ? -6.596  -8.055  8.242   1.00 50.75 ? 3  DA  A "O5'" 1 
ATOM   40  C  "C5'" . DA  A 1 3  ? -5.672  -9.085  8.607   1.00 45.65 ? 3  DA  A "C5'" 1 
ATOM   41  C  "C4'" . DA  A 1 3  ? -4.250  -8.601  8.457   1.00 42.66 ? 3  DA  A "C4'" 1 
ATOM   42  O  "O4'" . DA  A 1 3  ? -3.784  -8.750  7.110   1.00 39.27 ? 3  DA  A "O4'" 1 
ATOM   43  C  "C3'" . DA  A 1 3  ? -3.965  -7.155  8.829   1.00 43.77 ? 3  DA  A "C3'" 1 
ATOM   44  O  "O3'" . DA  A 1 3  ? -2.645  -7.127  9.343   1.00 46.61 ? 3  DA  A "O3'" 1 
ATOM   45  C  "C2'" . DA  A 1 3  ? -4.038  -6.428  7.499   1.00 42.27 ? 3  DA  A "C2'" 1 
ATOM   46  C  "C1'" . DA  A 1 3  ? -3.456  -7.483  6.569   1.00 39.81 ? 3  DA  A "C1'" 1 
ATOM   47  N  N9    . DA  A 1 3  ? -3.984  -7.483  5.224   1.00 37.07 ? 3  DA  A N9    1 
ATOM   48  C  C8    . DA  A 1 3  ? -5.221  -7.151  4.784   1.00 35.38 ? 3  DA  A C8    1 
ATOM   49  N  N7    . DA  A 1 3  ? -5.382  -7.349  3.523   1.00 31.97 ? 3  DA  A N7    1 
ATOM   50  C  C5    . DA  A 1 3  ? -4.157  -7.836  3.096   1.00 32.70 ? 3  DA  A C5    1 
ATOM   51  C  C6    . DA  A 1 3  ? -3.660  -8.224  1.797   1.00 31.31 ? 3  DA  A C6    1 
ATOM   52  N  N6    . DA  A 1 3  ? -4.449  -8.223  0.698   1.00 30.62 ? 3  DA  A N6    1 
ATOM   53  N  N1    . DA  A 1 3  ? -2.344  -8.582  1.702   1.00 29.90 ? 3  DA  A N1    1 
ATOM   54  C  C2    . DA  A 1 3  ? -1.605  -8.556  2.825   1.00 27.53 ? 3  DA  A C2    1 
ATOM   55  N  N3    . DA  A 1 3  ? -1.977  -8.252  4.079   1.00 30.97 ? 3  DA  A N3    1 
ATOM   56  C  C4    . DA  A 1 3  ? -3.283  -7.896  4.132   1.00 33.27 ? 3  DA  A C4    1 
ATOM   57  P  P     . DG  A 1 4  ? -2.235  -5.981  10.350  1.00 50.71 ? 4  DG  A P     1 
ATOM   58  O  OP1   . DG  A 1 4  ? -1.477  -6.622  11.524  1.00 51.65 ? 4  DG  A OP1   1 
ATOM   59  O  OP2   . DG  A 1 4  ? -3.492  -5.073  10.575  1.00 48.58 ? 4  DG  A OP2   1 
ATOM   60  O  "O5'" . DG  A 1 4  ? -1.178  -5.183  9.472   1.00 47.27 ? 4  DG  A "O5'" 1 
ATOM   61  C  "C5'" . DG  A 1 4  ? 0.022   -5.770  9.069   1.00 41.92 ? 4  DG  A "C5'" 1 
ATOM   62  C  "C4'" . DG  A 1 4  ? 0.599   -4.957  7.936   1.00 38.91 ? 4  DG  A "C4'" 1 
ATOM   63  O  "O4'" . DG  A 1 4  ? -0.086  -5.216  6.688   1.00 34.62 ? 4  DG  A "O4'" 1 
ATOM   64  C  "C3'" . DG  A 1 4  ? 0.550   -3.444  8.124   1.00 37.85 ? 4  DG  A "C3'" 1 
ATOM   65  O  "O3'" . DG  A 1 4  ? 1.834   -2.898  7.751   1.00 40.39 ? 4  DG  A "O3'" 1 
ATOM   66  C  "C2'" . DG  A 1 4  ? -0.506  -3.016  7.105   1.00 36.32 ? 4  DG  A "C2'" 1 
ATOM   67  C  "C1'" . DG  A 1 4  ? -0.283  -4.022  6.027   1.00 33.47 ? 4  DG  A "C1'" 1 
ATOM   68  N  N9    . DG  A 1 4  ? -1.305  -4.238  5.034   1.00 30.51 ? 4  DG  A N9    1 
ATOM   69  C  C8    . DG  A 1 4  ? -2.667  -4.166  5.185   1.00 30.94 ? 4  DG  A C8    1 
ATOM   70  N  N7    . DG  A 1 4  ? -3.306  -4.340  4.061   1.00 30.95 ? 4  DG  A N7    1 
ATOM   71  C  C5    . DG  A 1 4  ? -2.293  -4.600  3.117   1.00 29.40 ? 4  DG  A C5    1 
ATOM   72  C  C6    . DG  A 1 4  ? -2.351  -4.912  1.697   1.00 31.07 ? 4  DG  A C6    1 
ATOM   73  O  O6    . DG  A 1 4  ? -3.370  -5.086  0.962   1.00 31.95 ? 4  DG  A O6    1 
ATOM   74  N  N1    . DG  A 1 4  ? -1.060  -5.043  1.138   1.00 32.20 ? 4  DG  A N1    1 
ATOM   75  C  C2    . DG  A 1 4  ? 0.091   -4.912  1.810   1.00 30.01 ? 4  DG  A C2    1 
ATOM   76  N  N2    . DG  A 1 4  ? 1.211   -5.010  1.070   1.00 29.13 ? 4  DG  A N2    1 
ATOM   77  N  N3    . DG  A 1 4  ? 0.150   -4.686  3.094   1.00 27.79 ? 4  DG  A N3    1 
ATOM   78  C  C4    . DG  A 1 4  ? -1.082  -4.531  3.692   1.00 28.92 ? 4  DG  A C4    1 
ATOM   79  P  P     . DG  A 1 5  ? 2.658   -1.957  8.764   1.00 41.63 ? 5  DG  A P     1 
ATOM   80  O  OP1   . DG  A 1 5  ? 3.087   -2.596  10.109  1.00 37.76 ? 5  DG  A OP1   1 
ATOM   81  O  OP2   . DG  A 1 5  ? 1.828   -0.706  8.738   1.00 37.17 ? 5  DG  A OP2   1 
ATOM   82  O  "O5'" . DG  A 1 5  ? 4.020   -1.798  7.959   1.00 39.77 ? 5  DG  A "O5'" 1 
ATOM   83  C  "C5'" . DG  A 1 5  ? 4.822   -2.900  7.620   1.00 34.96 ? 5  DG  A "C5'" 1 
ATOM   84  C  "C4'" . DG  A 1 5  ? 5.461   -2.553  6.311   1.00 37.17 ? 5  DG  A "C4'" 1 
ATOM   85  O  "O4'" . DG  A 1 5  ? 4.539   -2.681  5.234   1.00 37.84 ? 5  DG  A "O4'" 1 
ATOM   86  C  "C3'" . DG  A 1 5  ? 5.968   -1.124  6.187   1.00 38.31 ? 5  DG  A "C3'" 1 
ATOM   87  O  "O3'" . DG  A 1 5  ? 7.208   -1.191  5.465   1.00 43.92 ? 5  DG  A "O3'" 1 
ATOM   88  C  "C2'" . DG  A 1 5  ? 4.913   -0.412  5.350   1.00 37.74 ? 5  DG  A "C2'" 1 
ATOM   89  C  "C1'" . DG  A 1 5  ? 4.416   -1.494  4.453   1.00 33.72 ? 5  DG  A "C1'" 1 
ATOM   90  N  N9    . DG  A 1 5  ? 3.002   -1.399  4.161   1.00 32.64 ? 5  DG  A N9    1 
ATOM   91  C  C8    . DG  A 1 5  ? 2.018   -1.269  5.090   1.00 33.42 ? 5  DG  A C8    1 
ATOM   92  N  N7    . DG  A 1 5  ? 0.821   -1.255  4.575   1.00 35.58 ? 5  DG  A N7    1 
ATOM   93  C  C5    . DG  A 1 5  ? 1.023   -1.400  3.205   1.00 30.58 ? 5  DG  A C5    1 
ATOM   94  C  C6    . DG  A 1 5  ? 0.095   -1.468  2.158   1.00 31.31 ? 5  DG  A C6    1 
ATOM   95  O  O6    . DG  A 1 5  ? -1.098  -1.448  2.196   1.00 31.08 ? 5  DG  A O6    1 
ATOM   96  N  N1    . DG  A 1 5  ? 0.708   -1.589  0.947   1.00 31.77 ? 5  DG  A N1    1 
ATOM   97  C  C2    . DG  A 1 5  ? 2.016   -1.669  0.776   1.00 30.14 ? 5  DG  A C2    1 
ATOM   98  N  N2    . DG  A 1 5  ? 2.366   -1.860  -0.540  1.00 29.68 ? 5  DG  A N2    1 
ATOM   99  N  N3    . DG  A 1 5  ? 2.904   -1.600  1.768   1.00 26.59 ? 5  DG  A N3    1 
ATOM   100 C  C4    . DG  A 1 5  ? 2.343   -1.466  2.935   1.00 29.74 ? 5  DG  A C4    1 
HETATM 101 BR BR    . CBR A 1 6  ? 2.992   2.672   4.720   1.00 40.47 ? 6  CBR A BR    1 
HETATM 102 P  P     . CBR A 1 6  ? 7.997   0.167   5.081   1.00 47.29 ? 6  CBR A P     1 
HETATM 103 O  OP1   . CBR A 1 6  ? 9.446   -0.021  5.365   1.00 50.32 ? 6  CBR A OP1   1 
HETATM 104 O  OP2   . CBR A 1 6  ? 7.257   1.330   5.744   1.00 49.01 ? 6  CBR A OP2   1 
HETATM 105 O  "O5'" . CBR A 1 6  ? 7.879   0.257   3.493   1.00 45.43 ? 6  CBR A "O5'" 1 
HETATM 106 N  N1    . CBR A 1 6  ? 4.465   1.388   1.149   1.00 41.63 ? 6  CBR A N1    1 
HETATM 107 C  C6    . CBR A 1 6  ? 4.380   1.851   2.442   1.00 37.47 ? 6  CBR A C6    1 
HETATM 108 C  C2    . CBR A 1 6  ? 3.231   1.304   0.252   1.00 41.90 ? 6  CBR A C2    1 
HETATM 109 O  O2    . CBR A 1 6  ? 3.259   0.915   -1.002  1.00 44.33 ? 6  CBR A O2    1 
HETATM 110 N  N3    . CBR A 1 6  ? 2.072   1.647   0.795   1.00 41.35 ? 6  CBR A N3    1 
HETATM 111 C  C4    . CBR A 1 6  ? 1.998   2.053   2.105   1.00 38.20 ? 6  CBR A C4    1 
HETATM 112 N  N4    . CBR A 1 6  ? 0.751   2.349   2.618   1.00 30.56 ? 6  CBR A N4    1 
HETATM 113 C  C5    . CBR A 1 6  ? 3.188   2.163   2.953   1.00 38.40 ? 6  CBR A C5    1 
HETATM 114 C  "C2'" . CBR A 1 6  ? 6.934   1.799   0.912   1.00 42.62 ? 6  CBR A "C2'" 1 
HETATM 115 C  "C5'" . CBR A 1 6  ? 7.776   -0.897  2.680   1.00 41.84 ? 6  CBR A "C5'" 1 
HETATM 116 C  "C4'" . CBR A 1 6  ? 7.478   -0.500  1.264   1.00 39.66 ? 6  CBR A "C4'" 1 
HETATM 117 O  "O4'" . CBR A 1 6  ? 6.046   -0.317  1.225   1.00 37.87 ? 6  CBR A "O4'" 1 
HETATM 118 C  "C1'" . CBR A 1 6  ? 5.749   0.921   0.610   1.00 41.60 ? 6  CBR A "C1'" 1 
HETATM 119 C  "C3'" . CBR A 1 6  ? 8.090   0.811   0.801   1.00 39.00 ? 6  CBR A "C3'" 1 
HETATM 120 O  "O3'" . CBR A 1 6  ? 8.512   0.662   -0.552  1.00 40.63 ? 6  CBR A "O3'" 1 
ATOM   121 P  P     . DC  A 1 7  ? 9.587   1.685   -1.164  1.00 44.44 ? 7  DC  A P     1 
ATOM   122 O  OP1   . DC  A 1 7  ? 10.770  0.902   -1.721  1.00 49.63 ? 7  DC  A OP1   1 
ATOM   123 O  OP2   . DC  A 1 7  ? 9.788   2.736   -0.049  1.00 44.54 ? 7  DC  A OP2   1 
ATOM   124 O  "O5'" . DC  A 1 7  ? 8.857   2.372   -2.373  1.00 43.67 ? 7  DC  A "O5'" 1 
ATOM   125 C  "C5'" . DC  A 1 7  ? 7.805   3.188   -2.089  1.00 45.42 ? 7  DC  A "C5'" 1 
ATOM   126 C  "C4'" . DC  A 1 7  ? 6.933   3.211   -3.273  1.00 44.16 ? 7  DC  A "C4'" 1 
ATOM   127 O  "O4'" . DC  A 1 7  ? 5.589   3.243   -2.794  1.00 42.94 ? 7  DC  A "O4'" 1 
ATOM   128 C  "C3'" . DC  A 1 7  ? 7.177   4.521   -3.958  1.00 43.87 ? 7  DC  A "C3'" 1 
ATOM   129 O  "O3'" . DC  A 1 7  ? 6.888   4.314   -5.336  1.00 47.73 ? 7  DC  A "O3'" 1 
ATOM   130 C  "C2'" . DC  A 1 7  ? 6.203   5.471   -3.279  1.00 42.81 ? 7  DC  A "C2'" 1 
ATOM   131 C  "C1'" . DC  A 1 7  ? 5.092   4.560   -2.811  1.00 43.23 ? 7  DC  A "C1'" 1 
ATOM   132 N  N1    . DC  A 1 7  ? 4.661   4.850   -1.467  1.00 42.48 ? 7  DC  A N1    1 
ATOM   133 C  C2    . DC  A 1 7  ? 3.300   4.833   -1.183  1.00 40.27 ? 7  DC  A C2    1 
ATOM   134 O  O2    . DC  A 1 7  ? 2.465   4.645   -2.103  1.00 40.99 ? 7  DC  A O2    1 
ATOM   135 N  N3    . DC  A 1 7  ? 2.935   5.055   0.071   1.00 36.63 ? 7  DC  A N3    1 
ATOM   136 C  C4    . DC  A 1 7  ? 3.847   5.360   1.036   1.00 36.71 ? 7  DC  A C4    1 
ATOM   137 N  N4    . DC  A 1 7  ? 3.435   5.699   2.241   1.00 36.73 ? 7  DC  A N4    1 
ATOM   138 C  C5    . DC  A 1 7  ? 5.205   5.373   0.789   1.00 36.91 ? 7  DC  A C5    1 
ATOM   139 C  C6    . DC  A 1 7  ? 5.587   5.121   -0.469  1.00 41.60 ? 7  DC  A C6    1 
ATOM   140 P  P     . DT  A 1 8  ? 7.194   5.484   -6.400  1.00 49.74 ? 8  DT  A P     1 
ATOM   141 O  OP1   . DT  A 1 8  ? 7.308   4.932   -7.789  1.00 49.89 ? 8  DT  A OP1   1 
ATOM   142 O  OP2   . DT  A 1 8  ? 8.317   6.282   -5.803  1.00 51.30 ? 8  DT  A OP2   1 
ATOM   143 O  "O5'" . DT  A 1 8  ? 5.937   6.447   -6.304  1.00 46.71 ? 8  DT  A "O5'" 1 
ATOM   144 C  "C5'" . DT  A 1 8  ? 4.656   5.986   -6.659  1.00 44.90 ? 8  DT  A "C5'" 1 
ATOM   145 C  "C4'" . DT  A 1 8  ? 3.613   6.998   -6.239  1.00 42.98 ? 8  DT  A "C4'" 1 
ATOM   146 O  "O4'" . DT  A 1 8  ? 3.445   7.021   -4.798  1.00 42.25 ? 8  DT  A "O4'" 1 
ATOM   147 C  "C3'" . DT  A 1 8  ? 3.997   8.416   -6.651  1.00 44.81 ? 8  DT  A "C3'" 1 
ATOM   148 O  "O3'" . DT  A 1 8  ? 2.859   8.988   -7.296  1.00 49.25 ? 8  DT  A "O3'" 1 
ATOM   149 C  "C2'" . DT  A 1 8  ? 4.288   9.109   -5.319  1.00 44.19 ? 8  DT  A "C2'" 1 
ATOM   150 C  "C1'" . DT  A 1 8  ? 3.381   8.364   -4.399  1.00 40.66 ? 8  DT  A "C1'" 1 
ATOM   151 N  N1    . DT  A 1 8  ? 3.692   8.430   -3.006  1.00 37.75 ? 8  DT  A N1    1 
ATOM   152 C  C2    . DT  A 1 8  ? 2.594   8.460   -2.195  1.00 41.84 ? 8  DT  A C2    1 
ATOM   153 O  O2    . DT  A 1 8  ? 1.447   8.425   -2.657  1.00 43.36 ? 8  DT  A O2    1 
ATOM   154 N  N3    . DT  A 1 8  ? 2.853   8.515   -0.856  1.00 38.35 ? 8  DT  A N3    1 
ATOM   155 C  C4    . DT  A 1 8  ? 4.065   8.546   -0.281  1.00 37.31 ? 8  DT  A C4    1 
ATOM   156 O  O4    . DT  A 1 8  ? 4.168   8.601   0.970   1.00 38.07 ? 8  DT  A O4    1 
ATOM   157 C  C5    . DT  A 1 8  ? 5.172   8.515   -1.204  1.00 36.65 ? 8  DT  A C5    1 
ATOM   158 C  C7    . DT  A 1 8  ? 6.534   8.552   -0.617  1.00 35.87 ? 8  DT  A C7    1 
ATOM   159 C  C6    . DT  A 1 8  ? 4.940   8.465   -2.511  1.00 36.36 ? 8  DT  A C6    1 
ATOM   160 P  P     . DG  A 1 9  ? 2.970   9.580   -8.789  1.00 50.05 ? 9  DG  A P     1 
ATOM   161 O  OP1   . DG  A 1 9  ? 3.014   8.426   -9.645  1.00 51.12 ? 9  DG  A OP1   1 
ATOM   162 O  OP2   . DG  A 1 9  ? 4.071   10.582  -8.826  1.00 54.08 ? 9  DG  A OP2   1 
ATOM   163 O  "O5'" . DG  A 1 9  ? 1.590   10.329  -9.007  1.00 49.39 ? 9  DG  A "O5'" 1 
ATOM   164 C  "C5'" . DG  A 1 9  ? 0.388   9.663   -8.668  1.00 47.35 ? 9  DG  A "C5'" 1 
ATOM   165 C  "C4'" . DG  A 1 9  ? -0.539  10.571  -7.892  1.00 43.99 ? 9  DG  A "C4'" 1 
ATOM   166 O  "O4'" . DG  A 1 9  ? -0.218  10.766  -6.499  1.00 43.86 ? 9  DG  A "O4'" 1 
ATOM   167 C  "C3'" . DG  A 1 9  ? -0.704  11.956  -8.440  1.00 45.58 ? 9  DG  A "C3'" 1 
ATOM   168 O  "O3'" . DG  A 1 9  ? -2.002  12.418  -8.138  1.00 50.89 ? 9  DG  A "O3'" 1 
ATOM   169 C  "C2'" . DG  A 1 9  ? 0.235   12.764  -7.583  1.00 44.14 ? 9  DG  A "C2'" 1 
ATOM   170 C  "C1'" . DG  A 1 9  ? 0.043   12.126  -6.210  1.00 41.86 ? 9  DG  A "C1'" 1 
ATOM   171 N  N9    . DG  A 1 9  ? 1.247   12.175  -5.339  1.00 40.06 ? 9  DG  A N9    1 
ATOM   172 C  C8    . DG  A 1 9  ? 2.563   12.397  -5.686  1.00 38.07 ? 9  DG  A C8    1 
ATOM   173 N  N7    . DG  A 1 9  ? 3.371   12.369  -4.647  1.00 38.81 ? 9  DG  A N7    1 
ATOM   174 C  C5    . DG  A 1 9  ? 2.539   12.092  -3.594  1.00 34.30 ? 9  DG  A C5    1 
ATOM   175 C  C6    . DG  A 1 9  ? 2.830   11.912  -2.299  1.00 33.21 ? 9  DG  A C6    1 
ATOM   176 O  O6    . DG  A 1 9  ? 3.921   11.946  -1.761  1.00 34.17 ? 9  DG  A O6    1 
ATOM   177 N  N1    . DG  A 1 9  ? 1.720   11.666  -1.576  1.00 33.12 ? 9  DG  A N1    1 
ATOM   178 C  C2    . DG  A 1 9  ? 0.443   11.626  -2.085  1.00 36.19 ? 9  DG  A C2    1 
ATOM   179 N  N2    . DG  A 1 9  ? -0.597  11.445  -1.273  1.00 33.91 ? 9  DG  A N2    1 
ATOM   180 N  N3    . DG  A 1 9  ? 0.172   11.764  -3.311  1.00 36.56 ? 9  DG  A N3    1 
ATOM   181 C  C4    . DG  A 1 9  ? 1.225   11.991  -3.997  1.00 36.32 ? 9  DG  A C4    1 
ATOM   182 P  P     . DG  A 1 10 ? -2.718  13.441  -9.143  1.00 50.02 ? 10 DG  A P     1 
ATOM   183 O  OP1   . DG  A 1 10 ? -3.772  12.809  -9.966  1.00 52.25 ? 10 DG  A OP1   1 
ATOM   184 O  OP2   . DG  A 1 10 ? -1.625  14.213  -9.836  1.00 50.89 ? 10 DG  A OP2   1 
ATOM   185 O  "O5'" . DG  A 1 10 ? -3.443  14.289  -8.061  1.00 49.82 ? 10 DG  A "O5'" 1 
ATOM   186 C  "C5'" . DG  A 1 10 ? -3.980  13.678  -6.942  1.00 51.25 ? 10 DG  A "C5'" 1 
ATOM   187 C  "C4'" . DG  A 1 10 ? -3.801  14.624  -5.788  1.00 52.13 ? 10 DG  A "C4'" 1 
ATOM   188 O  "O4'" . DG  A 1 10 ? -2.425  14.507  -5.347  1.00 55.02 ? 10 DG  A "O4'" 1 
ATOM   189 C  "C3'" . DG  A 1 10 ? -3.978  16.119  -6.130  1.00 51.74 ? 10 DG  A "C3'" 1 
ATOM   190 O  "O3'" . DG  A 1 10 ? -4.939  16.469  -5.091  1.00 54.13 ? 10 DG  A "O3'" 1 
ATOM   191 C  "C2'" . DG  A 1 10 ? -2.560  16.713  -6.063  1.00 49.23 ? 10 DG  A "C2'" 1 
ATOM   192 C  "C1'" . DG  A 1 10 ? -1.967  15.831  -4.991  1.00 48.76 ? 10 DG  A "C1'" 1 
ATOM   193 N  N9    . DG  A 1 10 ? -0.498  15.796  -4.799  1.00 42.76 ? 10 DG  A N9    1 
ATOM   194 C  C8    . DG  A 1 10 ? 0.474   15.910  -5.728  1.00 42.89 ? 10 DG  A C8    1 
ATOM   195 N  N7    . DG  A 1 10 ? 1.683   15.796  -5.212  1.00 41.17 ? 10 DG  A N7    1 
ATOM   196 C  C5    . DG  A 1 10 ? 1.456   15.605  -3.877  1.00 37.79 ? 10 DG  A C5    1 
ATOM   197 C  C6    . DG  A 1 10 ? 2.349   15.433  -2.832  1.00 35.60 ? 10 DG  A C6    1 
ATOM   198 O  O6    . DG  A 1 10 ? 3.516   15.401  -2.893  1.00 39.47 ? 10 DG  A O6    1 
ATOM   199 N  N1    . DG  A 1 10 ? 1.723   15.279  -1.620  1.00 32.21 ? 10 DG  A N1    1 
ATOM   200 C  C2    . DG  A 1 10 ? 0.349   15.251  -1.471  1.00 34.37 ? 10 DG  A C2    1 
ATOM   201 N  N2    . DG  A 1 10 ? -0.176  14.996  -0.323  1.00 33.60 ? 10 DG  A N2    1 
ATOM   202 N  N3    . DG  A 1 10 ? -0.488  15.439  -2.429  1.00 37.88 ? 10 DG  A N3    1 
ATOM   203 C  C4    . DG  A 1 10 ? 0.118   15.606  -3.591  1.00 39.18 ? 10 DG  A C4    1 
ATOM   204 O  "O5'" . DC  B 1 1  ? 5.996   14.972  6.384   1.00 55.71 ? 11 DC  B "O5'" 1 
ATOM   205 C  "C5'" . DC  B 1 1  ? 5.376   16.236  6.856   1.00 55.46 ? 11 DC  B "C5'" 1 
ATOM   206 C  "C4'" . DC  B 1 1  ? 3.917   16.445  6.481   1.00 55.49 ? 11 DC  B "C4'" 1 
ATOM   207 O  "O4'" . DC  B 1 1  ? 3.740   16.758  5.074   1.00 56.66 ? 11 DC  B "O4'" 1 
ATOM   208 C  "C3'" . DC  B 1 1  ? 2.982   15.255  6.693   1.00 55.92 ? 11 DC  B "C3'" 1 
ATOM   209 O  "O3'" . DC  B 1 1  ? 1.658   15.676  7.054   1.00 56.95 ? 11 DC  B "O3'" 1 
ATOM   210 C  "C2'" . DC  B 1 1  ? 2.883   14.617  5.324   1.00 52.52 ? 11 DC  B "C2'" 1 
ATOM   211 C  "C1'" . DC  B 1 1  ? 2.900   15.794  4.450   1.00 51.32 ? 11 DC  B "C1'" 1 
ATOM   212 N  N1    . DC  B 1 1  ? 3.481   15.483  3.163   1.00 49.98 ? 11 DC  B N1    1 
ATOM   213 C  C2    . DC  B 1 1  ? 2.640   15.582  2.026   1.00 49.06 ? 11 DC  B C2    1 
ATOM   214 O  O2    . DC  B 1 1  ? 1.442   15.959  2.222   1.00 50.52 ? 11 DC  B O2    1 
ATOM   215 N  N3    . DC  B 1 1  ? 3.137   15.297  0.784   1.00 45.71 ? 11 DC  B N3    1 
ATOM   216 C  C4    . DC  B 1 1  ? 4.404   14.973  0.667   1.00 43.78 ? 11 DC  B C4    1 
ATOM   217 N  N4    . DC  B 1 1  ? 4.830   14.649  -0.528  1.00 41.19 ? 11 DC  B N4    1 
ATOM   218 C  C5    . DC  B 1 1  ? 5.295   14.933  1.800   1.00 44.38 ? 11 DC  B C5    1 
ATOM   219 C  C6    . DC  B 1 1  ? 4.783   15.141  3.024   1.00 46.40 ? 11 DC  B C6    1 
ATOM   220 P  P     . DC  B 1 2  ? 0.786   14.835  8.160   1.00 61.09 ? 12 DC  B P     1 
ATOM   221 O  OP1   . DC  B 1 2  ? -0.164  15.750  8.933   1.00 63.00 ? 12 DC  B OP1   1 
ATOM   222 O  OP2   . DC  B 1 2  ? 1.691   13.883  8.934   1.00 62.98 ? 12 DC  B OP2   1 
ATOM   223 O  "O5'" . DC  B 1 2  ? -0.095  13.877  7.238   1.00 61.70 ? 12 DC  B "O5'" 1 
ATOM   224 C  "C5'" . DC  B 1 2  ? -1.182  14.393  6.460   1.00 59.12 ? 12 DC  B "C5'" 1 
ATOM   225 C  "C4'" . DC  B 1 2  ? -1.784  13.307  5.593   1.00 54.73 ? 12 DC  B "C4'" 1 
ATOM   226 O  "O4'" . DC  B 1 2  ? -0.972  13.204  4.400   1.00 51.84 ? 12 DC  B "O4'" 1 
ATOM   227 C  "C3'" . DC  B 1 2  ? -1.833  11.880  6.189   1.00 53.39 ? 12 DC  B "C3'" 1 
ATOM   228 O  "O3'" . DC  B 1 2  ? -2.926  11.178  5.627   1.00 51.12 ? 12 DC  B "O3'" 1 
ATOM   229 C  "C2'" . DC  B 1 2  ? -0.581  11.237  5.616   1.00 50.43 ? 12 DC  B "C2'" 1 
ATOM   230 C  "C1'" . DC  B 1 2  ? -0.624  11.816  4.232   1.00 48.58 ? 12 DC  B "C1'" 1 
ATOM   231 N  N1    . DC  B 1 2  ? 0.622   11.761  3.485   1.00 45.10 ? 12 DC  B N1    1 
ATOM   232 C  C2    . DC  B 1 2  ? 0.544   11.733  2.151   1.00 41.71 ? 12 DC  B C2    1 
ATOM   233 O  O2    . DC  B 1 2  ? -0.529  11.744  1.694   1.00 45.74 ? 12 DC  B O2    1 
ATOM   234 N  N3    . DC  B 1 2  ? 1.633   11.724  1.382   1.00 39.84 ? 12 DC  B N3    1 
ATOM   235 C  C4    . DC  B 1 2  ? 2.834   11.742  1.940   1.00 40.11 ? 12 DC  B C4    1 
ATOM   236 N  N4    . DC  B 1 2  ? 3.923   11.696  1.112   1.00 39.46 ? 12 DC  B N4    1 
ATOM   237 C  C5    . DC  B 1 2  ? 2.985   11.785  3.359   1.00 42.93 ? 12 DC  B C5    1 
ATOM   238 C  C6    . DC  B 1 2  ? 1.838   11.769  4.093   1.00 43.32 ? 12 DC  B C6    1 
ATOM   239 P  P     . DA  B 1 3  ? -4.118  10.721  6.520   1.00 47.37 ? 13 DA  B P     1 
ATOM   240 O  OP1   . DA  B 1 3  ? -4.755  11.904  7.122   1.00 55.13 ? 13 DA  B OP1   1 
ATOM   241 O  OP2   . DA  B 1 3  ? -3.573  9.646   7.380   1.00 50.70 ? 13 DA  B OP2   1 
ATOM   242 O  "O5'" . DA  B 1 3  ? -5.137  10.240  5.443   1.00 45.35 ? 13 DA  B "O5'" 1 
ATOM   243 C  "C5'" . DA  B 1 3  ? -5.577  11.104  4.442   1.00 45.52 ? 13 DA  B "C5'" 1 
ATOM   244 C  "C4'" . DA  B 1 3  ? -5.878  10.287  3.204   1.00 47.62 ? 13 DA  B "C4'" 1 
ATOM   245 O  "O4'" . DA  B 1 3  ? -4.699  9.918   2.433   1.00 48.12 ? 13 DA  B "O4'" 1 
ATOM   246 C  "C3'" . DA  B 1 3  ? -6.597  8.947   3.372   1.00 47.94 ? 13 DA  B "C3'" 1 
ATOM   247 O  "O3'" . DA  B 1 3  ? -7.348  8.782   2.136   1.00 50.52 ? 13 DA  B "O3'" 1 
ATOM   248 C  "C2'" . DA  B 1 3  ? -5.442  7.944   3.527   1.00 44.82 ? 13 DA  B "C2'" 1 
ATOM   249 C  "C1'" . DA  B 1 3  ? -4.415  8.476   2.544   1.00 43.97 ? 13 DA  B "C1'" 1 
ATOM   250 N  N9    . DA  B 1 3  ? -3.012  8.323   2.913   1.00 38.86 ? 13 DA  B N9    1 
ATOM   251 C  C8    . DA  B 1 3  ? -2.448  8.227   4.135   1.00 40.56 ? 13 DA  B C8    1 
ATOM   252 N  N7    . DA  B 1 3  ? -1.161  8.245   4.133   1.00 40.32 ? 13 DA  B N7    1 
ATOM   253 C  C5    . DA  B 1 3  ? -0.838  8.338   2.798   1.00 39.11 ? 13 DA  B C5    1 
ATOM   254 C  C6    . DA  B 1 3  ? 0.451   8.393   2.091   1.00 38.77 ? 13 DA  B C6    1 
ATOM   255 N  N6    . DA  B 1 3  ? 1.681   8.346   2.670   1.00 37.16 ? 13 DA  B N6    1 
ATOM   256 N  N1    . DA  B 1 3  ? 0.417   8.473   0.756   1.00 38.25 ? 13 DA  B N1    1 
ATOM   257 C  C2    . DA  B 1 3  ? -0.830  8.491   0.140   1.00 42.10 ? 13 DA  B C2    1 
ATOM   258 N  N3    . DA  B 1 3  ? -2.093  8.447   0.700   1.00 40.21 ? 13 DA  B N3    1 
ATOM   259 C  C4    . DA  B 1 3  ? -1.992  8.360   2.032   1.00 38.66 ? 13 DA  B C4    1 
ATOM   260 P  P     . DG  B 1 4  ? -8.581  7.745   2.081   1.00 50.32 ? 14 DG  B P     1 
ATOM   261 O  OP1   . DG  B 1 4  ? -9.732  8.469   1.427   1.00 49.95 ? 14 DG  B OP1   1 
ATOM   262 O  OP2   . DG  B 1 4  ? -8.736  7.133   3.465   1.00 49.40 ? 14 DG  B OP2   1 
ATOM   263 O  "O5'" . DG  B 1 4  ? -7.980  6.593   1.147   1.00 47.66 ? 14 DG  B "O5'" 1 
ATOM   264 C  "C5'" . DG  B 1 4  ? -7.451  6.879   -0.139  1.00 43.13 ? 14 DG  B "C5'" 1 
ATOM   265 C  "C4'" . DG  B 1 4  ? -6.651  5.712   -0.618  1.00 40.35 ? 14 DG  B "C4'" 1 
ATOM   266 O  "O4'" . DG  B 1 4  ? -5.319  5.757   -0.048  1.00 39.04 ? 14 DG  B "O4'" 1 
ATOM   267 C  "C3'" . DG  B 1 4  ? -7.227  4.356   -0.193  1.00 37.50 ? 14 DG  B "C3'" 1 
ATOM   268 O  "O3'" . DG  B 1 4  ? -7.051  3.476   -1.306  1.00 41.05 ? 14 DG  B "O3'" 1 
ATOM   269 C  "C2'" . DG  B 1 4  ? -6.235  3.927   0.861   1.00 36.04 ? 14 DG  B "C2'" 1 
ATOM   270 C  "C1'" . DG  B 1 4  ? -4.966  4.462   0.321   1.00 36.61 ? 14 DG  B "C1'" 1 
ATOM   271 N  N9    . DG  B 1 4  ? -3.839  4.573   1.144   1.00 36.13 ? 14 DG  B N9    1 
ATOM   272 C  C8    . DG  B 1 4  ? -3.794  4.773   2.518   1.00 36.69 ? 14 DG  B C8    1 
ATOM   273 N  N7    . DG  B 1 4  ? -2.611  4.940   2.997   1.00 38.61 ? 14 DG  B N7    1 
ATOM   274 C  C5    . DG  B 1 4  ? -1.752  4.824   1.851   1.00 38.74 ? 14 DG  B C5    1 
ATOM   275 C  C6    . DG  B 1 4  ? -0.298  4.877   1.724   1.00 38.43 ? 14 DG  B C6    1 
ATOM   276 O  O6    . DG  B 1 4  ? 0.581   5.067   2.618   1.00 35.69 ? 14 DG  B O6    1 
ATOM   277 N  N1    . DG  B 1 4  ? 0.094   4.663   0.354   1.00 37.47 ? 14 DG  B N1    1 
ATOM   278 C  C2    . DG  B 1 4  ? -0.749  4.423   -0.710  1.00 33.40 ? 14 DG  B C2    1 
ATOM   279 N  N2    . DG  B 1 4  ? -0.161  4.237   -1.930  1.00 30.38 ? 14 DG  B N2    1 
ATOM   280 N  N3    . DG  B 1 4  ? -2.055  4.367   -0.585  1.00 33.49 ? 14 DG  B N3    1 
ATOM   281 C  C4    . DG  B 1 4  ? -2.506  4.577   0.752   1.00 36.47 ? 14 DG  B C4    1 
ATOM   282 P  P     . DG  B 1 5  ? -8.296  2.677   -1.963  1.00 42.57 ? 15 DG  B P     1 
ATOM   283 O  OP1   . DG  B 1 5  ? -9.374  3.718   -2.296  1.00 44.75 ? 15 DG  B OP1   1 
ATOM   284 O  OP2   . DG  B 1 5  ? -8.622  1.500   -1.054  1.00 40.25 ? 15 DG  B OP2   1 
ATOM   285 O  "O5'" . DG  B 1 5  ? -7.714  2.106   -3.337  1.00 41.26 ? 15 DG  B "O5'" 1 
ATOM   286 C  "C5'" . DG  B 1 5  ? -7.328  2.960   -4.373  1.00 37.67 ? 15 DG  B "C5'" 1 
ATOM   287 C  "C4'" . DG  B 1 5  ? -6.169  2.303   -5.044  1.00 38.35 ? 15 DG  B "C4'" 1 
ATOM   288 O  "O4'" . DG  B 1 5  ? -5.042  2.302   -4.152  1.00 39.82 ? 15 DG  B "O4'" 1 
ATOM   289 C  "C3'" . DG  B 1 5  ? -6.436  0.850   -5.273  1.00 40.03 ? 15 DG  B "C3'" 1 
ATOM   290 O  "O3'" . DG  B 1 5  ? -5.952  0.605   -6.559  1.00 41.45 ? 15 DG  B "O3'" 1 
ATOM   291 C  "C2'" . DG  B 1 5  ? -5.627  0.118   -4.198  1.00 40.02 ? 15 DG  B "C2'" 1 
ATOM   292 C  "C1'" . DG  B 1 5  ? -4.483  1.021   -3.931  1.00 36.33 ? 15 DG  B "C1'" 1 
ATOM   293 N  N9    . DG  B 1 5  ? -4.053  1.037   -2.535  1.00 39.56 ? 15 DG  B N9    1 
ATOM   294 C  C8    . DG  B 1 5  ? -4.844  1.260   -1.447  1.00 37.93 ? 15 DG  B C8    1 
ATOM   295 N  N7    . DG  B 1 5  ? -4.162  1.386   -0.323  1.00 38.61 ? 15 DG  B N7    1 
ATOM   296 C  C5    . DG  B 1 5  ? -2.841  1.205   -0.692  1.00 36.54 ? 15 DG  B C5    1 
ATOM   297 C  C6    . DG  B 1 5  ? -1.650  1.259   0.064   1.00 36.33 ? 15 DG  B C6    1 
ATOM   298 O  O6    . DG  B 1 5  ? -1.501  1.465   1.221   1.00 32.78 ? 15 DG  B O6    1 
ATOM   299 N  N1    . DG  B 1 5  ? -0.533  1.049   -0.700  1.00 38.33 ? 15 DG  B N1    1 
ATOM   300 C  C2    . DG  B 1 5  ? -0.515  0.824   -2.011  1.00 38.68 ? 15 DG  B C2    1 
ATOM   301 N  N2    . DG  B 1 5  ? 0.730   0.725   -2.525  1.00 40.18 ? 15 DG  B N2    1 
ATOM   302 N  N3    . DG  B 1 5  ? -1.622  0.730   -2.760  1.00 39.42 ? 15 DG  B N3    1 
ATOM   303 C  C4    . DG  B 1 5  ? -2.741  0.950   -2.044  1.00 38.64 ? 15 DG  B C4    1 
HETATM 304 BR BR    . CBR B 1 6  ? -5.296  -2.950  -1.591  1.00 36.19 ? 16 CBR B BR    1 
HETATM 305 P  P     . CBR B 1 6  ? -6.015  -0.874  -7.102  1.00 42.16 ? 16 CBR B P     1 
HETATM 306 O  OP1   . CBR B 1 6  ? -6.417  -0.835  -8.489  1.00 46.06 ? 16 CBR B OP1   1 
HETATM 307 O  OP2   . CBR B 1 6  ? -6.841  -1.620  -6.109  1.00 43.88 ? 16 CBR B OP2   1 
HETATM 308 O  "O5'" . CBR B 1 6  ? -4.514  -1.413  -7.029  1.00 43.48 ? 16 CBR B "O5'" 1 
HETATM 309 N  N1    . CBR B 1 6  ? -1.824  -2.427  -3.672  1.00 39.75 ? 16 CBR B N1    1 
HETATM 310 C  C6    . CBR B 1 6  ? -3.097  -2.733  -3.347  1.00 37.60 ? 16 CBR B C6    1 
HETATM 311 C  C2    . CBR B 1 6  ? -0.865  -2.199  -2.640  1.00 40.68 ? 16 CBR B C2    1 
HETATM 312 O  O2    . CBR B 1 6  ? 0.325   -1.951  -2.874  1.00 43.13 ? 16 CBR B O2    1 
HETATM 313 N  N3    . CBR B 1 6  ? -1.250  -2.249  -1.402  1.00 40.28 ? 16 CBR B N3    1 
HETATM 314 C  C4    . CBR B 1 6  ? -2.519  -2.485  -1.107  1.00 37.31 ? 16 CBR B C4    1 
HETATM 315 N  N4    . CBR B 1 6  ? -2.899  -2.442  0.122   1.00 30.26 ? 16 CBR B N4    1 
HETATM 316 C  C5    . CBR B 1 6  ? -3.480  -2.741  -2.080  1.00 37.88 ? 16 CBR B C5    1 
HETATM 317 C  "C2'" . CBR B 1 6  ? -2.002  -3.342  -5.989  1.00 43.13 ? 16 CBR B "C2'" 1 
HETATM 318 C  "C5'" . CBR B 1 6  ? -3.454  -0.552  -7.327  1.00 41.74 ? 16 CBR B "C5'" 1 
HETATM 319 C  "C4'" . CBR B 1 6  ? -2.143  -1.192  -6.970  1.00 40.58 ? 16 CBR B "C4'" 1 
HETATM 320 O  "O4'" . CBR B 1 6  ? -1.986  -1.102  -5.536  1.00 40.76 ? 16 CBR B "O4'" 1 
HETATM 321 C  "C1'" . CBR B 1 6  ? -1.432  -2.296  -5.071  1.00 40.54 ? 16 CBR B "C1'" 1 
HETATM 322 C  "C3'" . CBR B 1 6  ? -1.982  -2.665  -7.347  1.00 42.91 ? 16 CBR B "C3'" 1 
HETATM 323 O  "O3'" . CBR B 1 6  ? -0.678  -2.903  -7.975  1.00 47.59 ? 16 CBR B "O3'" 1 
ATOM   324 P  P     . DC  B 1 7  ? -0.413  -4.180  -8.940  1.00 46.48 ? 17 DC  B P     1 
ATOM   325 O  OP1   . DC  B 1 7  ? -0.031  -3.722  -10.354 1.00 52.40 ? 17 DC  B OP1   1 
ATOM   326 O  OP2   . DC  B 1 7  ? -1.646  -5.010  -8.720  1.00 50.90 ? 17 DC  B OP2   1 
ATOM   327 O  "O5'" . DC  B 1 7  ? 0.798   -4.896  -8.268  1.00 44.10 ? 17 DC  B "O5'" 1 
ATOM   328 C  "C5'" . DC  B 1 7  ? 0.561   -5.481  -7.069  1.00 47.74 ? 17 DC  B "C5'" 1 
ATOM   329 C  "C4'" . DC  B 1 7  ? 1.830   -5.608  -6.301  1.00 46.55 ? 17 DC  B "C4'" 1 
ATOM   330 O  "O4'" . DC  B 1 7  ? 1.515   -5.152  -4.953  1.00 43.62 ? 17 DC  B "O4'" 1 
ATOM   331 C  "C3'" . DC  B 1 7  ? 2.324   -7.072  -6.210  1.00 47.57 ? 17 DC  B "C3'" 1 
ATOM   332 O  "O3'" . DC  B 1 7  ? 3.766   -7.152  -6.230  1.00 48.55 ? 17 DC  B "O3'" 1 
ATOM   333 C  "C2'" . DC  B 1 7  ? 1.800   -7.529  -4.864  1.00 48.38 ? 17 DC  B "C2'" 1 
ATOM   334 C  "C1'" . DC  B 1 7  ? 1.532   -6.235  -4.033  1.00 44.75 ? 17 DC  B "C1'" 1 
ATOM   335 N  N1    . DC  B 1 7  ? 0.231   -6.236  -3.401  1.00 40.60 ? 17 DC  B N1    1 
ATOM   336 C  C2    . DC  B 1 7  ? 0.143   -5.954  -2.073  1.00 40.17 ? 17 DC  B C2    1 
ATOM   337 O  O2    . DC  B 1 7  ? 1.157   -5.725  -1.519  1.00 42.19 ? 17 DC  B O2    1 
ATOM   338 N  N3    . DC  B 1 7  ? -1.065  -5.934  -1.447  1.00 39.46 ? 17 DC  B N3    1 
ATOM   339 C  C4    . DC  B 1 7  ? -2.165  -6.200  -2.177  1.00 39.44 ? 17 DC  B C4    1 
ATOM   340 N  N4    . DC  B 1 7  ? -3.327  -6.218  -1.625  1.00 37.60 ? 17 DC  B N4    1 
ATOM   341 C  C5    . DC  B 1 7  ? -2.093  -6.478  -3.573  1.00 40.72 ? 17 DC  B C5    1 
ATOM   342 C  C6    . DC  B 1 7  ? -0.881  -6.493  -4.138  1.00 39.26 ? 17 DC  B C6    1 
ATOM   343 P  P     . DT  B 1 8  ? 4.490   -8.554  -6.421  1.00 45.43 ? 18 DT  B P     1 
ATOM   344 O  OP1   . DT  B 1 8  ? 5.963   -8.273  -6.738  1.00 45.79 ? 18 DT  B OP1   1 
ATOM   345 O  OP2   . DT  B 1 8  ? 3.629   -9.290  -7.385  1.00 47.16 ? 18 DT  B OP2   1 
ATOM   346 O  "O5'" . DT  B 1 8  ? 4.289   -9.146  -4.953  1.00 46.10 ? 18 DT  B "O5'" 1 
ATOM   347 C  "C5'" . DT  B 1 8  ? 4.822   -8.483  -3.817  1.00 43.94 ? 18 DT  B "C5'" 1 
ATOM   348 C  "C4'" . DT  B 1 8  ? 4.404   -9.176  -2.553  1.00 43.78 ? 18 DT  B "C4'" 1 
ATOM   349 O  "O4'" . DT  B 1 8  ? 3.071   -8.867  -2.050  1.00 44.70 ? 18 DT  B "O4'" 1 
ATOM   350 C  "C3'" . DT  B 1 8  ? 4.497   -10.672 -2.626  1.00 45.32 ? 18 DT  B "C3'" 1 
ATOM   351 O  "O3'" . DT  B 1 8  ? 5.048   -11.068 -1.419  1.00 50.98 ? 18 DT  B "O3'" 1 
ATOM   352 C  "C2'" . DT  B 1 8  ? 3.051   -11.086 -2.550  1.00 45.41 ? 18 DT  B "C2'" 1 
ATOM   353 C  "C1'" . DT  B 1 8  ? 2.471   -10.048 -1.615  1.00 41.31 ? 18 DT  B "C1'" 1 
ATOM   354 N  N1    . DT  B 1 8  ? 0.985   -9.882  -1.711  1.00 40.14 ? 18 DT  B N1    1 
ATOM   355 C  C2    . DT  B 1 8  ? 0.296   -9.527  -0.570  1.00 38.77 ? 18 DT  B C2    1 
ATOM   356 O  O2    . DT  B 1 8  ? 0.828   -9.354  0.480   1.00 37.08 ? 18 DT  B O2    1 
ATOM   357 N  N3    . DT  B 1 8  ? -1.022  -9.377  -0.728  1.00 33.05 ? 18 DT  B N3    1 
ATOM   358 C  C4    . DT  B 1 8  ? -1.715  -9.483  -1.906  1.00 37.64 ? 18 DT  B C4    1 
ATOM   359 O  O4    . DT  B 1 8  ? -2.897  -9.220  -1.982  1.00 36.17 ? 18 DT  B O4    1 
ATOM   360 C  C5    . DT  B 1 8  ? -0.964  -9.871  -3.036  1.00 38.35 ? 18 DT  B C5    1 
ATOM   361 C  C7    . DT  B 1 8  ? -1.681  -10.010 -4.340  1.00 37.03 ? 18 DT  B C7    1 
ATOM   362 C  C6    . DT  B 1 8  ? 0.325   -10.073 -2.895  1.00 38.25 ? 18 DT  B C6    1 
ATOM   363 P  P     . DG  B 1 9  ? 6.210   -12.168 -1.375  1.00 48.22 ? 19 DG  B P     1 
ATOM   364 O  OP1   . DG  B 1 9  ? 7.583   -11.511 -1.492  1.00 53.06 ? 19 DG  B OP1   1 
ATOM   365 O  OP2   . DG  B 1 9  ? 5.857   -13.284 -2.273  1.00 53.62 ? 19 DG  B OP2   1 
ATOM   366 O  "O5'" . DG  B 1 9  ? 6.039   -12.720 0.103   1.00 51.82 ? 19 DG  B "O5'" 1 
ATOM   367 C  "C5'" . DG  B 1 9  ? 6.114   -11.828 1.237   1.00 51.83 ? 19 DG  B "C5'" 1 
ATOM   368 C  "C4'" . DG  B 1 9  ? 5.238   -12.338 2.361   1.00 51.40 ? 19 DG  B "C4'" 1 
ATOM   369 O  "O4'" . DG  B 1 9  ? 3.832   -12.206 2.026   1.00 50.08 ? 19 DG  B "O4'" 1 
ATOM   370 C  "C3'" . DG  B 1 9  ? 5.434   -13.805 2.660   1.00 50.47 ? 19 DG  B "C3'" 1 
ATOM   371 O  "O3'" . DG  B 1 9  ? 5.008   -14.006 4.006   1.00 55.48 ? 19 DG  B "O3'" 1 
ATOM   372 C  "C2'" . DG  B 1 9  ? 4.408   -14.393 1.727   1.00 48.24 ? 19 DG  B "C2'" 1 
ATOM   373 C  "C1'" . DG  B 1 9  ? 3.248   -13.470 1.971   1.00 47.28 ? 19 DG  B "C1'" 1 
ATOM   374 N  N9    . DG  B 1 9  ? 2.174   -13.448 0.997   1.00 43.71 ? 19 DG  B N9    1 
ATOM   375 C  C8    . DG  B 1 9  ? 2.162   -13.870 -0.331  1.00 41.26 ? 19 DG  B C8    1 
ATOM   376 N  N7    . DG  B 1 9  ? 1.005   -13.748 -0.928  1.00 37.24 ? 19 DG  B N7    1 
ATOM   377 C  C5    . DG  B 1 9  ? 0.180   -13.178 0.033   1.00 40.14 ? 19 DG  B C5    1 
ATOM   378 C  C6    . DG  B 1 9  ? -1.160  -12.789 -0.026  1.00 40.34 ? 19 DG  B C6    1 
ATOM   379 O  O6    . DG  B 1 9  ? -1.975  -12.897 -0.899  1.00 42.77 ? 19 DG  B O6    1 
ATOM   380 N  N1    . DG  B 1 9  ? -1.566  -12.246 1.153   1.00 40.35 ? 19 DG  B N1    1 
ATOM   381 C  C2    . DG  B 1 9  ? -0.815  -12.131 2.275   1.00 41.61 ? 19 DG  B C2    1 
ATOM   382 N  N2    . DG  B 1 9  ? -1.429  -11.624 3.282   1.00 44.83 ? 19 DG  B N2    1 
ATOM   383 N  N3    . DG  B 1 9  ? 0.434   -12.493 2.400   1.00 41.24 ? 19 DG  B N3    1 
ATOM   384 C  C4    . DG  B 1 9  ? 0.889   -13.007 1.217   1.00 43.38 ? 19 DG  B C4    1 
ATOM   385 P  P     . DG  B 1 10 ? 5.744   -15.089 4.942   1.00 60.97 ? 20 DG  B P     1 
ATOM   386 O  OP1   . DG  B 1 10 ? 6.938   -14.451 5.611   1.00 63.05 ? 20 DG  B OP1   1 
ATOM   387 O  OP2   . DG  B 1 10 ? 6.009   -16.252 4.065   1.00 62.44 ? 20 DG  B OP2   1 
ATOM   388 O  "O5'" . DG  B 1 10 ? 4.597   -15.396 6.005   1.00 57.99 ? 20 DG  B "O5'" 1 
ATOM   389 C  "C5'" . DG  B 1 10 ? 3.784   -14.344 6.473   1.00 56.68 ? 20 DG  B "C5'" 1 
ATOM   390 C  "C4'" . DG  B 1 10 ? 2.376   -14.838 6.649   1.00 55.06 ? 20 DG  B "C4'" 1 
ATOM   391 O  "O4'" . DG  B 1 10 ? 1.657   -14.734 5.385   1.00 53.51 ? 20 DG  B "O4'" 1 
ATOM   392 C  "C3'" . DG  B 1 10 ? 2.307   -16.306 7.115   1.00 54.83 ? 20 DG  B "C3'" 1 
ATOM   393 O  "O3'" . DG  B 1 10 ? 1.138   -16.512 7.898   1.00 55.14 ? 20 DG  B "O3'" 1 
ATOM   394 C  "C2'" . DG  B 1 10 ? 2.022   -17.046 5.825   1.00 52.96 ? 20 DG  B "C2'" 1 
ATOM   395 C  "C1'" . DG  B 1 10 ? 1.049   -16.001 5.201   1.00 50.67 ? 20 DG  B "C1'" 1 
ATOM   396 N  N9    . DG  B 1 10 ? 0.701   -16.145 3.809   1.00 46.58 ? 20 DG  B N9    1 
ATOM   397 C  C8    . DG  B 1 10 ? 1.507   -16.618 2.803   1.00 48.65 ? 20 DG  B C8    1 
ATOM   398 N  N7    . DG  B 1 10 ? 0.930   -16.638 1.630   1.00 47.95 ? 20 DG  B N7    1 
ATOM   399 C  C5    . DG  B 1 10 ? -0.366  -16.154 1.878   1.00 43.09 ? 20 DG  B C5    1 
ATOM   400 C  C6    . DG  B 1 10 ? -1.454  -15.944 0.970   1.00 40.89 ? 20 DG  B C6    1 
ATOM   401 O  O6    . DG  B 1 10 ? -1.510  -16.130 -0.305  1.00 41.29 ? 20 DG  B O6    1 
ATOM   402 N  N1    . DG  B 1 10 ? -2.555  -15.447 1.669   1.00 37.40 ? 20 DG  B N1    1 
ATOM   403 C  C2    . DG  B 1 10 ? -2.583  -15.160 3.040   1.00 37.25 ? 20 DG  B C2    1 
ATOM   404 N  N2    . DG  B 1 10 ? -3.667  -14.689 3.550   1.00 30.66 ? 20 DG  B N2    1 
ATOM   405 N  N3    . DG  B 1 10 ? -1.598  -15.332 3.841   1.00 39.43 ? 20 DG  B N3    1 
ATOM   406 C  C4    . DG  B 1 10 ? -0.508  -15.845 3.205   1.00 42.88 ? 20 DG  B C4    1 
HETATM 407 C  C     . IIP C 2 .  ? 5.699   -3.040  0.093   1.00 41.83 ? 22 IIP A C     1 
HETATM 408 C  C1    . IIP C 2 .  ? 3.731   1.680   -4.256  1.00 45.89 ? 22 IIP A C1    1 
HETATM 409 C  C2    . IIP C 2 .  ? 7.011   -3.335  -0.258  1.00 41.20 ? 22 IIP A C2    1 
HETATM 410 C  C3    . IIP C 2 .  ? 8.815   -2.625  -1.981  1.00 42.37 ? 22 IIP A C3    1 
HETATM 411 C  C4    . IIP C 2 .  ? 6.156   -1.819  -1.739  1.00 44.33 ? 22 IIP A C4    1 
HETATM 412 C  C5    . IIP C 2 .  ? 5.995   -0.931  -2.926  1.00 46.21 ? 22 IIP A C5    1 
HETATM 413 C  C6    . IIP C 2 .  ? 4.662   0.704   -4.198  1.00 44.87 ? 22 IIP A C6    1 
HETATM 414 C  C8    . IIP C 2 .  ? 5.276   0.603   -5.504  1.00 44.24 ? 22 IIP A C8    1 
HETATM 415 C  C9    . IIP C 2 .  ? 5.150   1.660   -7.828  1.00 45.66 ? 22 IIP A C9    1 
HETATM 416 C  C10   . IIP C 2 .  ? 3.757   2.197   -5.604  1.00 45.88 ? 22 IIP A C10   1 
HETATM 417 C  C11   . IIP C 2 .  ? 2.875   3.162   -6.137  1.00 45.04 ? 22 IIP A C11   1 
HETATM 418 C  C12   . IIP C 2 .  ? 1.035   4.671   -5.797  1.00 46.48 ? 22 IIP A C12   1 
HETATM 419 C  C13   . IIP C 2 .  ? 0.415   5.694   -5.011  1.00 44.87 ? 22 IIP A C13   1 
HETATM 420 C  C14   . IIP C 2 .  ? 0.542   4.755   -7.128  1.00 46.69 ? 22 IIP A C14   1 
HETATM 421 C  C15   . IIP C 2 .  ? -1.107  6.140   -8.564  1.00 48.35 ? 22 IIP A C15   1 
HETATM 422 C  C16   . IIP C 2 .  ? -0.506  6.358   -5.894  1.00 48.99 ? 22 IIP A C16   1 
HETATM 423 C  C18   . IIP C 2 .  ? -6.241  11.594  -4.781  0.64 66.51 ? 22 IIP A C18   1 
HETATM 424 C  C19   . IIP C 2 .  ? -7.116  12.539  -3.891  0.64 66.50 ? 22 IIP A C19   1 
HETATM 425 C  C20   . IIP C 2 .  ? -7.798  12.046  -2.604  0.64 65.23 ? 22 IIP A C20   1 
HETATM 426 C  C21   . IIP C 2 .  ? -6.430  13.434  -0.890  0.64 66.02 ? 22 IIP A C21   1 
HETATM 427 C  C22   . IIP C 2 .  ? -7.879  11.529  -0.103  0.64 67.56 ? 22 IIP A C22   1 
HETATM 428 C  C23   . IIP C 2 .  ? -1.351  7.439   -5.571  1.00 51.19 ? 22 IIP A C23   1 
HETATM 429 C  C24   . IIP C 2 .  ? 5.379   -4.242  2.185   1.00 46.16 ? 22 IIP A C24   1 
HETATM 430 C  C25   . IIP C 2 .  ? 4.530   -4.660  3.301   1.00 44.05 ? 22 IIP A C25   1 
HETATM 431 C  C26   . IIP C 2 .  ? 2.821   -4.966  4.590   1.00 44.99 ? 22 IIP A C26   1 
HETATM 432 C  C27   . IIP C 2 .  ? 3.825   -5.545  5.234   1.00 45.01 ? 22 IIP A C27   1 
HETATM 433 C  C28   . IIP C 2 .  ? 6.214   -5.914  4.991   1.00 45.52 ? 22 IIP A C28   1 
HETATM 434 C  C29   . IIP C 2 .  ? -1.628  9.572   -4.136  1.00 59.30 ? 22 IIP A C29   1 
HETATM 435 C  C30   . IIP C 2 .  ? -3.152  9.475   -3.954  1.00 62.70 ? 22 IIP A C30   1 
HETATM 436 C  C31   A IIP C 2 .  ? -4.335  10.006  -4.786  0.60 63.88 ? 22 IIP A C31   1 
HETATM 437 C  C31   B IIP C 2 .  ? -4.035  10.646  -3.645  0.40 63.65 ? 22 IIP A C31   1 
HETATM 438 O  O1    . IIP C 2 .  ? 6.913   -1.010  -3.813  1.00 48.53 ? 22 IIP A O1    1 
HETATM 439 O  O2    . IIP C 2 .  ? 3.048   3.500   -7.323  1.00 44.32 ? 22 IIP A O2    1 
HETATM 440 O  O3    . IIP C 2 .  ? -2.386  7.654   -6.362  1.00 50.19 ? 22 IIP A O3    1 
HETATM 441 O  O4    . IIP C 2 .  ? 6.628   -4.528  2.143   1.00 49.43 ? 22 IIP A O4    1 
HETATM 442 O  O5    A IIP C 2 .  ? -4.658  9.433   -5.824  0.60 64.69 ? 22 IIP A O5    1 
HETATM 443 O  O5    B IIP C 2 .  ? -3.820  11.108  -2.581  0.40 64.84 ? 22 IIP A O5    1 
HETATM 444 N  N     . IIP C 2 .  ? 7.356   -2.596  -1.400  1.00 43.58 ? 22 IIP A N     1 
HETATM 445 N  N1    . IIP C 2 .  ? 4.879   -0.084  -3.093  1.00 45.60 ? 22 IIP A N1    1 
HETATM 446 N  N2    . IIP C 2 .  ? 5.211   -2.122  -0.824  1.00 41.82 ? 22 IIP A N2    1 
HETATM 447 N  N3    . IIP C 2 .  ? 4.743   1.553   -6.383  1.00 45.14 ? 22 IIP A N3    1 
HETATM 448 N  N4    . IIP C 2 .  ? 1.920   3.717   -5.346  1.00 46.59 ? 22 IIP A N4    1 
HETATM 449 N  N5    . IIP C 2 .  ? -0.411  5.788   -7.245  1.00 48.40 ? 22 IIP A N5    1 
HETATM 450 N  N6    . IIP C 2 .  ? -5.245  10.694  -4.192  0.64 64.44 ? 22 IIP A N6    1 
HETATM 451 N  N7    . IIP C 2 .  ? -7.071  12.108  -1.246  0.64 67.77 ? 22 IIP A N7    1 
HETATM 452 N  N8    . IIP C 2 .  ? 4.892   -3.547  1.163   1.00 42.95 ? 22 IIP A N8    1 
HETATM 453 N  N9    . IIP C 2 .  ? 4.922   -5.362  4.494   1.00 45.57 ? 22 IIP A N9    1 
HETATM 454 N  N10   . IIP C 2 .  ? 3.254   -4.444  3.357   1.00 44.85 ? 22 IIP A N10   1 
HETATM 455 N  N11   . IIP C 2 .  ? -0.972  8.281   -4.532  1.00 53.98 ? 22 IIP A N11   1 
HETATM 456 C  C     . IIP D 2 .  ? -0.211  1.392   -6.081  1.00 33.89 ? 21 IIP B C     1 
HETATM 457 C  C1    . IIP D 2 .  ? 3.421   -3.620  -3.591  1.00 39.27 ? 21 IIP B C1    1 
HETATM 458 C  C2    . IIP D 2 .  ? 0.032   1.291   -7.448  1.00 33.62 ? 21 IIP B C2    1 
HETATM 459 C  C3    . IIP D 2 .  ? 1.553   -0.085  -9.039  1.00 32.98 ? 21 IIP B C3    1 
HETATM 460 C  C4    . IIP D 2 .  ? 1.248   -0.315  -6.421  1.00 37.40 ? 21 IIP B C4    1 
HETATM 461 C  C5    . IIP D 2 .  ? 2.209   -1.344  -6.175  1.00 37.63 ? 21 IIP B C5    1 
HETATM 462 C  C6    . IIP D 2 .  ? 3.363   -2.829  -4.682  1.00 38.77 ? 21 IIP B C6    1 
HETATM 463 C  C8    . IIP D 2 .  ? 4.423   -3.158  -5.503  1.00 39.49 ? 21 IIP B C8    1 
HETATM 464 C  C9    . IIP D 2 .  ? 6.490   -4.782  -5.561  1.00 45.14 ? 21 IIP B C9    1 
HETATM 465 C  C10   . IIP D 2 .  ? 4.506   -4.410  -3.701  1.00 40.24 ? 21 IIP B C10   1 
HETATM 466 C  C11   . IIP D 2 .  ? 5.001   -5.281  -2.674  1.00 42.58 ? 21 IIP B C11   1 
HETATM 467 C  C12   . IIP D 2 .  ? 4.658   -6.356  -0.570  1.00 40.81 ? 21 IIP B C12   1 
HETATM 468 C  C13   . IIP D 2 .  ? 3.882   -7.101  0.320   1.00 40.30 ? 21 IIP B C13   1 
HETATM 469 C  C14   . IIP D 2 .  ? 5.998   -6.494  -0.153  1.00 42.58 ? 21 IIP B C14   1 
HETATM 470 C  C15   . IIP D 2 .  ? 7.337   -7.725  1.631   1.00 45.37 ? 21 IIP B C15   1 
HETATM 471 C  C16   . IIP D 2 .  ? 4.714   -7.632  1.299   1.00 42.78 ? 21 IIP B C16   1 
HETATM 472 C  C18   . IIP D 2 .  ? -0.542  -9.381  7.413   0.82 64.93 ? 21 IIP B C18   1 
HETATM 473 C  C19   . IIP D 2 .  ? -0.052  -10.596 8.183   0.82 65.58 ? 21 IIP B C19   1 
HETATM 474 C  C20   . IIP D 2 .  ? 0.077   -10.364 9.717   0.82 65.74 ? 21 IIP B C20   1 
HETATM 475 C  C21   . IIP D 2 .  ? 2.171   -11.667 10.056  0.82 65.85 ? 21 IIP B C21   1 
HETATM 476 C  C22   . IIP D 2 .  ? 2.206   -9.231  10.375  0.82 64.76 ? 21 IIP B C22   1 
HETATM 477 C  C23   . IIP D 2 .  ? 4.313   -8.369  2.455   1.00 47.00 ? 21 IIP B C23   1 
HETATM 478 C  C24   . IIP D 2 .  ? -1.948  3.080   -5.938  1.00 33.91 ? 21 IIP B C24   1 
HETATM 479 C  C25   . IIP D 2 .  ? -2.724  3.947   -5.091  1.00 29.99 ? 21 IIP B C25   1 
HETATM 480 C  C26   . IIP D 2 .  ? -3.599  4.816   -3.317  1.00 26.63 ? 21 IIP B C26   1 
HETATM 481 C  C27   . IIP D 2 .  ? -4.346  5.223   -4.402  1.00 28.25 ? 21 IIP B C27   1 
HETATM 482 C  C28   . IIP D 2 .  ? -4.323  5.064   -6.853  1.00 28.63 ? 21 IIP B C28   1 
HETATM 483 C  C29   . IIP D 2 .  ? 2.697   -9.838  3.450   1.00 50.18 ? 21 IIP B C29   1 
HETATM 484 C  C30   . IIP D 2 .  ? 1.604   -9.327  4.181   1.00 57.45 ? 21 IIP B C30   1 
HETATM 485 C  C31   . IIP D 2 .  ? 1.299   -9.559  5.622   1.00 60.95 ? 21 IIP B C31   1 
HETATM 486 O  O1    . IIP D 2 .  ? 2.945   -1.585  -7.140  1.00 39.33 ? 21 IIP B O1    1 
HETATM 487 O  O2    . IIP D 2 .  ? 6.247   -5.763  -2.768  1.00 43.66 ? 21 IIP B O2    1 
HETATM 488 O  O3    . IIP D 2 .  ? 5.156   -8.643  3.366   1.00 48.13 ? 21 IIP B O3    1 
HETATM 489 O  O4    . IIP D 2 .  ? -2.142  3.114   -7.212  1.00 37.75 ? 21 IIP B O4    1 
HETATM 490 O  O5    . IIP D 2 .  ? 2.140   -10.011 6.282   1.00 61.96 ? 21 IIP B O5    1 
HETATM 491 N  N     . IIP D 2 .  ? 0.984   0.257   -7.710  1.00 35.88 ? 21 IIP B N     1 
HETATM 492 N  N1    . IIP D 2 .  ? 2.383   -1.898  -4.925  1.00 37.01 ? 21 IIP B N1    1 
HETATM 493 N  N2    . IIP D 2 .  ? 0.517   0.375   -5.455  1.00 35.31 ? 21 IIP B N2    1 
HETATM 494 N  N3    . IIP D 2 .  ? 5.170   -4.157  -4.898  1.00 41.82 ? 21 IIP B N3    1 
HETATM 495 N  N4    . IIP D 2 .  ? 4.174   -5.608  -1.629  1.00 39.24 ? 21 IIP B N4    1 
HETATM 496 N  N5    . IIP D 2 .  ? 6.037   -7.337  0.967   1.00 43.78 ? 21 IIP B N5    1 
HETATM 497 N  N6    . IIP D 2 .  ? 0.065   -9.264  6.096   1.00 62.34 ? 21 IIP B N6    1 
HETATM 498 N  N7    . IIP D 2 .  ? 1.413   -10.460 10.433  0.82 65.81 ? 21 IIP B N7    1 
HETATM 499 N  N8    . IIP D 2 .  ? -1.033  2.271   -5.403  1.00 34.09 ? 21 IIP B N8    1 
HETATM 500 N  N9    . IIP D 2 .  ? -3.831  4.704   -5.518  1.00 30.41 ? 21 IIP B N9    1 
HETATM 501 N  N10   . IIP D 2 .  ? -2.564  4.036   -3.747  1.00 28.13 ? 21 IIP B N10   1 
HETATM 502 N  N11   . IIP D 2 .  ? 3.081   -8.864  2.516   1.00 48.22 ? 21 IIP B N11   1 
HETATM 503 O  O     . HOH E 3 .  ? -4.194  15.411  0.666   1.00 62.89 ? 25 HOH A O     1 
HETATM 504 O  O     . HOH E 3 .  ? -7.225  -10.742 -2.444  1.00 40.30 ? 27 HOH A O     1 
HETATM 505 O  O     . HOH E 3 .  ? -9.212  9.200   -5.924  1.00 63.83 ? 28 HOH A O     1 
HETATM 506 O  O     . HOH E 3 .  ? 8.070   6.106   2.556   1.00 65.92 ? 29 HOH A O     1 
HETATM 507 O  O     . HOH E 3 .  ? 6.371   12.568  -2.106  1.00 42.67 ? 30 HOH A O     1 
HETATM 508 O  O     . HOH E 3 .  ? -18.748 -14.619 4.521   1.00 65.92 ? 34 HOH A O     1 
HETATM 509 O  O     . HOH E 3 .  ? -4.958  -4.795  12.468  1.00 41.92 ? 36 HOH A O     1 
HETATM 510 O  O     . HOH E 3 .  ? 5.604   14.106  -4.478  1.00 44.10 ? 38 HOH A O     1 
HETATM 511 O  O     . HOH E 3 .  ? 0.472   15.655  -9.458  1.00 45.77 ? 39 HOH A O     1 
HETATM 512 O  O     . HOH E 3 .  ? 6.604   3.611   3.930   1.00 37.28 ? 40 HOH A O     1 
HETATM 513 O  O     . HOH E 3 .  ? -0.540  1.446   6.499   1.00 68.25 ? 41 HOH A O     1 
HETATM 514 O  O     . HOH E 3 .  ? -7.525  -3.585  2.338   1.00 40.44 ? 43 HOH A O     1 
HETATM 515 O  O     . HOH E 3 .  ? 2.850   18.207  -10.741 1.00 78.97 ? 44 HOH A O     1 
HETATM 516 O  O     . HOH E 3 .  ? -9.449  13.823  1.496   1.00 53.38 ? 46 HOH A O     1 
HETATM 517 O  O     . HOH E 3 .  ? -9.740  -5.395  5.949   1.00 55.67 ? 47 HOH A O     1 
HETATM 518 O  O     . HOH E 3 .  ? -2.966  -0.119  4.158   1.00 42.12 ? 48 HOH A O     1 
HETATM 519 O  O     . HOH E 3 .  ? 5.086   5.570   4.567   1.00 46.85 ? 49 HOH A O     1 
HETATM 520 O  O     . HOH E 3 .  ? 9.423   6.594   -1.617  1.00 50.47 ? 50 HOH A O     1 
HETATM 521 O  O     . HOH E 3 .  ? 4.660   1.834   7.607   1.00 47.48 ? 51 HOH A O     1 
HETATM 522 O  O     . HOH E 3 .  ? -3.241  13.009  -2.900  1.00 51.25 ? 52 HOH A O     1 
HETATM 523 O  O     . HOH E 3 .  ? -7.411  15.376  -6.180  1.00 53.48 ? 53 HOH A O     1 
HETATM 524 O  O     . HOH E 3 .  ? 5.246   19.060  -5.384  1.00 46.98 ? 54 HOH A O     1 
HETATM 525 O  O     . HOH E 3 .  ? -5.905  -5.324  1.559   1.00 54.65 ? 56 HOH A O     1 
HETATM 526 O  O     . HOH E 3 .  ? 10.151  -1.618  -5.382  1.00 54.52 ? 57 HOH A O     1 
HETATM 527 O  O     . HOH E 3 .  ? 11.795  0.571   -4.226  1.00 47.37 ? 59 HOH A O     1 
HETATM 528 O  O     . HOH E 3 .  ? 12.569  3.780   -0.129  1.00 54.36 ? 60 HOH A O     1 
HETATM 529 O  O     . HOH E 3 .  ? 3.138   5.426   6.927   1.00 54.78 ? 61 HOH A O     1 
HETATM 530 O  O     . HOH E 3 .  ? 5.978   16.277  -5.212  1.00 50.73 ? 62 HOH A O     1 
HETATM 531 O  O     . HOH E 3 .  ? -1.247  0.804   9.250   1.00 52.74 ? 63 HOH A O     1 
HETATM 532 O  O     . HOH E 3 .  ? -4.744  -1.536  12.116  1.00 49.78 ? 66 HOH A O     1 
HETATM 533 O  O     . HOH E 3 .  ? -15.510 -13.578 4.522   1.00 53.62 ? 73 HOH A O     1 
HETATM 534 O  O     . HOH E 3 .  ? 1.097   -6.912  4.142   1.00 56.51 ? 74 HOH A O     1 
HETATM 535 O  O     . HOH E 3 .  ? -8.067  -8.121  10.376  1.00 60.96 ? 75 HOH A O     1 
HETATM 536 O  O     . HOH E 3 .  ? -15.048 -10.926 2.004   1.00 65.47 ? 76 HOH A O     1 
HETATM 537 O  O     . HOH E 3 .  ? -6.534  7.759   -4.941  1.00 71.40 ? 77 HOH A O     1 
HETATM 538 O  O     . HOH E 3 .  ? 7.829   2.819   -8.587  1.00 66.54 ? 78 HOH A O     1 
HETATM 539 O  O     . HOH E 3 .  ? 8.550   -0.036  -6.684  1.00 65.72 ? 79 HOH A O     1 
HETATM 540 O  O     . HOH E 3 .  ? -8.565  14.708  -1.187  1.00 71.10 ? 80 HOH A O     1 
HETATM 541 O  O     . HOH E 3 .  ? 6.116   8.567   2.701   1.00 64.31 ? 86 HOH A O     1 
HETATM 542 O  O     . HOH E 3 .  ? 6.000   15.267  -2.753  1.00 70.20 ? 88 HOH A O     1 
HETATM 543 O  O     . HOH E 3 .  ? 7.602   -2.758  -3.410  1.00 68.15 ? 91 HOH A O     1 
HETATM 544 O  O     . HOH E 3 .  ? 7.273   -6.384  3.122   1.00 68.80 ? 92 HOH A O     1 
HETATM 545 O  O     . HOH E 3 .  ? -6.368  -2.812  6.390   1.00 64.66 ? 93 HOH A O     1 
HETATM 546 O  O     . HOH F 3 .  ? 1.000   -1.887  -12.778 1.00 54.91 ? 23 HOH B O     1 
HETATM 547 O  O     . HOH F 3 .  ? -2.184  -12.978 8.207   1.00 67.41 ? 24 HOH B O     1 
HETATM 548 O  O     . HOH F 3 .  ? -4.902  -9.549  -3.584  1.00 33.04 ? 26 HOH B O     1 
HETATM 549 O  O     . HOH F 3 .  ? -1.650  4.258   7.784   1.00 49.37 ? 31 HOH B O     1 
HETATM 550 O  O     . HOH F 3 .  ? 4.087   -12.252 -8.317  1.00 49.02 ? 32 HOH B O     1 
HETATM 551 O  O     . HOH F 3 .  ? -7.946  -0.525  -1.455  1.00 46.96 ? 33 HOH B O     1 
HETATM 552 O  O     . HOH F 3 .  ? 5.319   -18.026 2.296   1.00 60.08 ? 35 HOH B O     1 
HETATM 553 O  O     . HOH F 3 .  ? -0.878  17.586  2.153   1.00 48.12 ? 37 HOH B O     1 
HETATM 554 O  O     . HOH F 3 .  ? -5.000  -3.967  -4.935  1.00 48.65 ? 42 HOH B O     1 
HETATM 555 O  O     . HOH F 3 .  ? -0.111  18.160  10.064  1.00 63.74 ? 45 HOH B O     1 
HETATM 556 O  O     . HOH F 3 .  ? 0.253   -12.761 5.978   1.00 49.65 ? 55 HOH B O     1 
HETATM 557 O  O     . HOH F 3 .  ? -0.039  5.357   5.609   1.00 44.45 ? 58 HOH B O     1 
HETATM 558 O  O     . HOH F 3 .  ? -2.557  -6.626  -10.617 1.00 45.61 ? 64 HOH B O     1 
HETATM 559 O  O     . HOH F 3 .  ? -1.691  -7.366  -6.938  1.00 51.91 ? 65 HOH B O     1 
HETATM 560 O  O     . HOH F 3 .  ? 0.894   -10.458 -6.967  1.00 49.77 ? 67 HOH B O     1 
HETATM 561 O  O     . HOH F 3 .  ? 7.883   -8.074  -5.159  1.00 54.82 ? 68 HOH B O     1 
HETATM 562 O  O     . HOH F 3 .  ? -6.188  -6.717  -2.803  1.00 50.03 ? 69 HOH B O     1 
HETATM 563 O  O     . HOH F 3 .  ? 6.205   11.149  3.885   1.00 42.49 ? 70 HOH B O     1 
HETATM 564 O  O     . HOH F 3 .  ? -6.071  -0.259  1.333   1.00 42.48 ? 71 HOH B O     1 
HETATM 565 O  O     . HOH F 3 .  ? -5.621  2.672   4.844   1.00 53.19 ? 72 HOH B O     1 
HETATM 566 O  O     . HOH F 3 .  ? 4.606   -12.241 9.242   1.00 69.49 ? 81 HOH B O     1 
HETATM 567 O  O     . HOH F 3 .  ? 2.330   -11.801 7.817   1.00 65.41 ? 82 HOH B O     1 
HETATM 568 O  O     . HOH F 3 .  ? -4.626  -3.825  -10.120 1.00 65.81 ? 83 HOH B O     1 
HETATM 569 O  O     . HOH F 3 .  ? 3.091   13.232  7.769   1.00 64.90 ? 84 HOH B O     1 
HETATM 570 O  O     . HOH F 3 .  ? 1.076   10.592  7.908   1.00 68.07 ? 85 HOH B O     1 
HETATM 571 O  O     . HOH F 3 .  ? 6.006   12.900  2.021   1.00 68.68 ? 87 HOH B O     1 
HETATM 572 O  O     . HOH F 3 .  ? 7.108   -10.699 -7.379  1.00 62.36 ? 89 HOH B O     1 
HETATM 573 O  O     . HOH F 3 .  ? 8.032   -11.631 -5.402  1.00 60.35 ? 90 HOH B O     1 
# 
